data_9FWD
#
_entry.id   9FWD
#
_cell.length_a   196.975
_cell.length_b   196.975
_cell.length_c   65.206
_cell.angle_alpha   90
_cell.angle_beta   90
_cell.angle_gamma   120
#
_symmetry.space_group_name_H-M   'P 64'
#
loop_
_entity.id
_entity.type
_entity.pdbx_description
1 polymer 'Indole-3-acetic acid-amido synthetase GH3.6'
2 non-polymer 'ADENOSINE MONOPHOSPHATE'
3 water water
#
_entity_poly.entity_id   1
_entity_poly.type   'polypeptide(L)'
_entity_poly.pdbx_seq_one_letter_code
;MHHHHHHAMPEAPKIAALEVSDESLAEKNKNKLQFIEDVTTNADDVQRRVLEEILSRNADVEYLKRHGLEGRTDRETFKH
IMPVVTYEDIQPEINRIANGDKSQVLCSNPISEFLTSSGTSGGERKLMPTIEEELDRRSLLYSLLMPVMDQFVPGLDKGK
GMYFLFIKSESKTPGGLPARPVLTSYYKSSHFKNRPYDPYTNYTSPNQTILCSDSYQSMYSQMLCGLCQHKEVLRVGAVF
ASGFIRAIKFLEKHWPELARDIRTGTLSSEITDSSVREAVGEILKPDPKLADFVESECRKTSWQGIITRLWPNTKYVDVI
VTGTMSQYIPTLDYYSNGLPLVCTMYASSECYFGVNLRPLCKPSEVSYTLIPNMAYFEFLPVHRNSGVTSSISLPKALTE
KEQQELVDLVDVKLGQEYELVVTTYAGLYRYRVGDVLSVAGFKNNAPQFSFICRKNVVLSIDSDKTDEVELQNAVKNAVT
HLVPFDASLSEYTSYADTSSIPGHYVLFWELCLNGNTPIPPSVFEDCCLTIEESLNSVYRQGRVSDKSIGPLEIKMVESG
TFDKLMDYAISLGASINQYKTPRCVKFAPIIELLNSRVVDSYFSPKCPKWSPGHKQWGSN
;
_entity_poly.pdbx_strand_id   A,B
#
loop_
_chem_comp.id
_chem_comp.type
_chem_comp.name
_chem_comp.formula
AMP non-polymer 'ADENOSINE MONOPHOSPHATE' 'C10 H14 N5 O7 P'
#
# COMPACT_ATOMS: atom_id res chain seq x y z
N SER A 21 -55.01 -9.68 -4.89
CA SER A 21 -55.67 -9.89 -6.19
C SER A 21 -54.69 -10.52 -7.19
N ASP A 22 -55.11 -11.59 -7.91
CA ASP A 22 -54.28 -12.27 -8.91
C ASP A 22 -53.84 -11.29 -10.00
N GLU A 23 -54.74 -10.41 -10.45
CA GLU A 23 -54.43 -9.43 -11.48
C GLU A 23 -53.44 -8.39 -10.96
N SER A 24 -53.63 -7.90 -9.73
CA SER A 24 -52.74 -6.90 -9.14
C SER A 24 -51.32 -7.49 -8.91
N LEU A 25 -51.24 -8.79 -8.56
CA LEU A 25 -49.96 -9.46 -8.33
C LEU A 25 -49.19 -9.65 -9.63
N ALA A 26 -49.90 -10.04 -10.70
CA ALA A 26 -49.29 -10.20 -12.00
C ALA A 26 -48.79 -8.86 -12.54
N GLU A 27 -49.60 -7.80 -12.36
CA GLU A 27 -49.25 -6.43 -12.76
C GLU A 27 -48.01 -5.99 -12.00
N LYS A 28 -47.96 -6.23 -10.68
CA LYS A 28 -46.81 -5.86 -9.86
C LYS A 28 -45.55 -6.55 -10.34
N ASN A 29 -45.64 -7.87 -10.65
CA ASN A 29 -44.48 -8.65 -11.12
C ASN A 29 -43.99 -8.12 -12.48
N LYS A 30 -44.92 -7.86 -13.40
CA LYS A 30 -44.60 -7.30 -14.71
C LYS A 30 -43.89 -5.93 -14.60
N ASN A 31 -44.30 -5.07 -13.65
CA ASN A 31 -43.67 -3.76 -13.43
C ASN A 31 -42.27 -3.89 -12.84
N LYS A 32 -42.03 -4.87 -11.96
CA LYS A 32 -40.69 -5.07 -11.38
C LYS A 32 -39.73 -5.58 -12.46
N LEU A 33 -40.20 -6.45 -13.37
CA LEU A 33 -39.38 -6.94 -14.46
C LEU A 33 -39.11 -5.85 -15.50
N GLN A 34 -40.07 -4.96 -15.74
CA GLN A 34 -39.86 -3.83 -16.65
C GLN A 34 -38.84 -2.88 -16.04
N PHE A 35 -38.87 -2.67 -14.70
CA PHE A 35 -37.86 -1.88 -13.99
C PHE A 35 -36.44 -2.46 -14.25
N ILE A 36 -36.29 -3.80 -14.21
CA ILE A 36 -35.01 -4.44 -14.48
C ILE A 36 -34.57 -4.14 -15.92
N GLU A 37 -35.47 -4.23 -16.90
CA GLU A 37 -35.15 -3.92 -18.29
C GLU A 37 -34.71 -2.45 -18.42
N ASP A 38 -35.45 -1.53 -17.79
CA ASP A 38 -35.15 -0.10 -17.86
C ASP A 38 -33.76 0.22 -17.30
N VAL A 39 -33.47 -0.23 -16.07
CA VAL A 39 -32.21 0.09 -15.43
C VAL A 39 -31.03 -0.66 -16.06
N THR A 40 -31.22 -1.86 -16.64
CA THR A 40 -30.11 -2.56 -17.29
C THR A 40 -29.82 -2.00 -18.68
N THR A 41 -30.82 -1.40 -19.34
CA THR A 41 -30.66 -0.77 -20.63
C THR A 41 -29.99 0.59 -20.41
N ASN A 42 -30.48 1.37 -19.41
CA ASN A 42 -29.95 2.69 -19.11
C ASN A 42 -28.99 2.65 -17.92
N ALA A 43 -28.18 1.58 -17.84
CA ALA A 43 -27.27 1.35 -16.73
C ALA A 43 -26.26 2.46 -16.47
N ASP A 44 -25.57 2.95 -17.50
CA ASP A 44 -24.59 4.01 -17.33
C ASP A 44 -25.23 5.31 -16.86
N ASP A 45 -26.42 5.66 -17.38
CA ASP A 45 -27.15 6.85 -16.95
C ASP A 45 -27.62 6.71 -15.50
N VAL A 46 -28.07 5.51 -15.08
CA VAL A 46 -28.48 5.29 -13.69
C VAL A 46 -27.26 5.43 -12.79
N GLN A 47 -26.10 4.91 -13.22
CA GLN A 47 -24.84 5.01 -12.48
C GLN A 47 -24.42 6.48 -12.30
N ARG A 48 -24.46 7.24 -13.39
CA ARG A 48 -24.15 8.68 -13.40
C ARG A 48 -25.07 9.43 -12.41
N ARG A 49 -26.37 9.15 -12.47
CA ARG A 49 -27.44 9.72 -11.62
C ARG A 49 -27.23 9.41 -10.14
N VAL A 50 -26.84 8.17 -9.83
CA VAL A 50 -26.62 7.73 -8.46
C VAL A 50 -25.43 8.50 -7.85
N LEU A 51 -24.32 8.57 -8.58
CA LEU A 51 -23.14 9.28 -8.11
C LEU A 51 -23.45 10.77 -7.95
N GLU A 52 -24.20 11.35 -8.89
CA GLU A 52 -24.60 12.75 -8.79
C GLU A 52 -25.40 13.02 -7.51
N GLU A 53 -26.35 12.13 -7.18
CA GLU A 53 -27.16 12.28 -5.97
C GLU A 53 -26.30 12.12 -4.70
N ILE A 54 -25.36 11.18 -4.70
CA ILE A 54 -24.48 10.96 -3.55
C ILE A 54 -23.60 12.20 -3.33
N LEU A 55 -22.96 12.68 -4.40
CA LEU A 55 -22.05 13.83 -4.30
C LEU A 55 -22.75 15.18 -4.05
N SER A 56 -24.01 15.36 -4.50
CA SER A 56 -24.70 16.63 -4.21
C SER A 56 -25.22 16.64 -2.77
N ARG A 57 -25.84 15.55 -2.33
CA ARG A 57 -26.38 15.48 -0.97
C ARG A 57 -25.30 15.60 0.09
N ASN A 58 -24.14 14.98 -0.14
CA ASN A 58 -23.03 14.97 0.80
C ASN A 58 -21.92 15.96 0.39
N ALA A 59 -22.24 17.00 -0.39
CA ALA A 59 -21.23 17.95 -0.83
C ALA A 59 -20.45 18.61 0.31
N ASP A 60 -21.14 19.00 1.40
CA ASP A 60 -20.51 19.66 2.55
C ASP A 60 -20.00 18.72 3.64
N VAL A 61 -19.78 17.43 3.34
CA VAL A 61 -19.27 16.52 4.37
C VAL A 61 -17.76 16.71 4.48
N GLU A 62 -17.24 16.50 5.69
CA GLU A 62 -15.82 16.67 5.99
C GLU A 62 -14.91 15.90 5.04
N TYR A 63 -15.19 14.62 4.80
CA TYR A 63 -14.36 13.78 3.96
C TYR A 63 -14.21 14.34 2.52
N LEU A 64 -15.30 14.79 1.91
CA LEU A 64 -15.23 15.32 0.54
C LEU A 64 -14.69 16.74 0.52
N LYS A 65 -14.99 17.55 1.57
CA LYS A 65 -14.46 18.91 1.65
C LYS A 65 -12.93 18.90 1.80
N ARG A 66 -12.37 18.01 2.63
CA ARG A 66 -10.92 17.98 2.85
C ARG A 66 -10.16 17.46 1.61
N HIS A 67 -10.79 16.62 0.79
CA HIS A 67 -10.17 16.16 -0.45
C HIS A 67 -10.35 17.18 -1.64
N GLY A 68 -11.02 18.32 -1.40
CA GLY A 68 -11.18 19.38 -2.39
C GLY A 68 -12.21 19.18 -3.48
N LEU A 69 -13.17 18.27 -3.29
CA LEU A 69 -14.18 18.03 -4.31
C LEU A 69 -15.01 19.30 -4.60
N GLU A 70 -15.20 20.18 -3.58
CA GLU A 70 -15.85 21.48 -3.70
C GLU A 70 -17.24 21.47 -4.34
N GLY A 71 -18.08 20.55 -3.89
CA GLY A 71 -19.44 20.42 -4.38
C GLY A 71 -19.62 19.97 -5.82
N ARG A 72 -18.52 19.54 -6.47
CA ARG A 72 -18.56 19.05 -7.85
C ARG A 72 -19.13 17.64 -7.80
N THR A 73 -20.13 17.37 -8.65
CA THR A 73 -20.82 16.09 -8.67
C THR A 73 -20.51 15.23 -9.90
N ASP A 74 -19.70 15.75 -10.85
CA ASP A 74 -19.41 15.01 -12.08
C ASP A 74 -18.48 13.84 -11.86
N ARG A 75 -18.66 12.82 -12.70
CA ARG A 75 -17.90 11.57 -12.61
C ARG A 75 -16.42 11.73 -12.93
N GLU A 76 -16.09 12.52 -13.94
CA GLU A 76 -14.72 12.73 -14.37
C GLU A 76 -13.87 13.34 -13.24
N THR A 77 -14.40 14.34 -12.53
CA THR A 77 -13.68 14.97 -11.43
C THR A 77 -13.52 14.01 -10.25
N PHE A 78 -14.62 13.35 -9.86
CA PHE A 78 -14.62 12.39 -8.75
C PHE A 78 -13.54 11.32 -8.89
N LYS A 79 -13.34 10.80 -10.11
CA LYS A 79 -12.33 9.78 -10.39
C LYS A 79 -10.89 10.32 -10.35
N HIS A 80 -10.70 11.62 -10.55
CA HIS A 80 -9.41 12.30 -10.55
C HIS A 80 -9.00 12.77 -9.16
N ILE A 81 -9.97 13.27 -8.37
CA ILE A 81 -9.78 13.84 -7.04
C ILE A 81 -9.77 12.80 -5.90
N MET A 82 -10.81 11.98 -5.81
CA MET A 82 -10.98 11.09 -4.68
C MET A 82 -10.12 9.84 -4.74
N PRO A 83 -9.48 9.43 -3.61
CA PRO A 83 -8.67 8.21 -3.64
C PRO A 83 -9.47 6.92 -3.50
N VAL A 84 -8.90 5.83 -3.99
CA VAL A 84 -9.49 4.51 -3.84
C VAL A 84 -8.98 4.03 -2.49
N VAL A 85 -9.89 3.59 -1.61
CA VAL A 85 -9.56 3.27 -0.22
C VAL A 85 -9.87 1.85 0.21
N THR A 86 -9.20 1.45 1.31
CA THR A 86 -9.41 0.23 2.05
C THR A 86 -10.09 0.66 3.37
N TYR A 87 -10.58 -0.29 4.19
CA TYR A 87 -11.20 0.03 5.48
C TYR A 87 -10.23 0.81 6.38
N GLU A 88 -8.96 0.41 6.38
CA GLU A 88 -7.93 1.00 7.21
C GLU A 88 -7.68 2.47 6.89
N ASP A 89 -7.87 2.89 5.64
CA ASP A 89 -7.70 4.29 5.25
C ASP A 89 -8.79 5.20 5.82
N ILE A 90 -10.02 4.69 5.97
CA ILE A 90 -11.15 5.46 6.50
C ILE A 90 -11.54 5.10 7.95
N GLN A 91 -10.79 4.18 8.59
CA GLN A 91 -11.01 3.80 9.99
C GLN A 91 -10.94 5.01 10.95
N PRO A 92 -10.06 6.03 10.76
CA PRO A 92 -10.12 7.21 11.63
C PRO A 92 -11.50 7.89 11.65
N GLU A 93 -12.15 8.04 10.47
CA GLU A 93 -13.48 8.66 10.40
C GLU A 93 -14.51 7.74 11.04
N ILE A 94 -14.49 6.44 10.71
CA ILE A 94 -15.45 5.47 11.24
C ILE A 94 -15.41 5.43 12.78
N ASN A 95 -14.19 5.34 13.35
CA ASN A 95 -14.01 5.29 14.80
C ASN A 95 -14.47 6.58 15.48
N ARG A 96 -14.25 7.74 14.85
CA ARG A 96 -14.74 9.01 15.40
C ARG A 96 -16.27 9.01 15.50
N ILE A 97 -16.96 8.48 14.47
CA ILE A 97 -18.43 8.42 14.46
C ILE A 97 -18.91 7.41 15.53
N ALA A 98 -18.23 6.26 15.63
CA ALA A 98 -18.53 5.25 16.63
C ALA A 98 -18.30 5.75 18.06
N ASN A 99 -17.37 6.71 18.25
CA ASN A 99 -17.11 7.30 19.57
C ASN A 99 -18.05 8.49 19.91
N GLY A 100 -18.98 8.86 19.02
CA GLY A 100 -19.95 9.90 19.30
C GLY A 100 -19.97 11.12 18.40
N ASP A 101 -19.02 11.26 17.45
CA ASP A 101 -19.01 12.42 16.57
C ASP A 101 -20.27 12.42 15.68
N LYS A 102 -21.22 13.33 16.00
CA LYS A 102 -22.48 13.44 15.25
C LYS A 102 -22.42 14.48 14.11
N SER A 103 -21.24 15.04 13.81
CA SER A 103 -21.10 16.00 12.71
C SER A 103 -21.11 15.25 11.36
N GLN A 104 -21.19 16.00 10.25
CA GLN A 104 -21.21 15.41 8.92
C GLN A 104 -19.79 15.04 8.53
N VAL A 105 -19.33 13.88 9.00
CA VAL A 105 -17.96 13.39 8.76
C VAL A 105 -17.88 12.73 7.37
N LEU A 106 -18.71 11.69 7.14
CA LEU A 106 -18.77 10.96 5.87
C LEU A 106 -20.12 11.12 5.16
N CYS A 107 -21.18 11.51 5.89
CA CYS A 107 -22.51 11.62 5.32
C CYS A 107 -23.27 12.84 5.89
N SER A 108 -24.15 13.45 5.08
CA SER A 108 -24.95 14.58 5.55
C SER A 108 -26.12 14.08 6.41
N ASN A 109 -26.63 12.87 6.15
CA ASN A 109 -27.70 12.26 6.95
C ASN A 109 -27.07 11.60 8.17
N PRO A 110 -27.73 11.58 9.36
CA PRO A 110 -27.08 10.97 10.52
C PRO A 110 -26.89 9.47 10.36
N ILE A 111 -25.73 8.95 10.81
CA ILE A 111 -25.44 7.53 10.71
C ILE A 111 -26.34 6.85 11.74
N SER A 112 -27.29 6.05 11.26
CA SER A 112 -28.27 5.39 12.12
C SER A 112 -27.64 4.30 12.97
N GLU A 113 -26.68 3.58 12.40
CA GLU A 113 -26.04 2.46 13.07
C GLU A 113 -24.84 1.96 12.25
N PHE A 114 -24.08 1.02 12.81
CA PHE A 114 -22.97 0.38 12.12
C PHE A 114 -23.36 -1.05 11.83
N LEU A 115 -23.22 -1.48 10.57
CA LEU A 115 -23.50 -2.85 10.18
C LEU A 115 -22.17 -3.58 10.25
N THR A 116 -22.11 -4.57 11.13
CA THR A 116 -20.87 -5.28 11.41
C THR A 116 -20.63 -6.39 10.39
N SER A 117 -19.67 -6.17 9.49
CA SER A 117 -19.31 -7.11 8.45
C SER A 117 -18.66 -8.37 8.99
N SER A 118 -18.78 -9.47 8.25
CA SER A 118 -18.05 -10.69 8.55
C SER A 118 -16.54 -10.53 8.20
N GLY A 119 -16.18 -9.54 7.37
CA GLY A 119 -14.80 -9.21 7.07
C GLY A 119 -14.24 -8.43 8.25
N THR A 120 -12.97 -8.68 8.58
CA THR A 120 -12.37 -8.09 9.79
C THR A 120 -11.12 -7.26 9.50
N SER A 121 -10.76 -6.40 10.47
CA SER A 121 -9.58 -5.56 10.46
C SER A 121 -9.03 -5.60 11.89
N GLY A 122 -7.80 -6.08 12.06
CA GLY A 122 -7.24 -6.27 13.39
C GLY A 122 -8.00 -7.32 14.17
N GLY A 123 -8.56 -8.31 13.47
CA GLY A 123 -9.34 -9.38 14.08
C GLY A 123 -10.73 -9.01 14.54
N GLU A 124 -11.13 -7.73 14.38
CA GLU A 124 -12.44 -7.25 14.80
C GLU A 124 -13.33 -7.00 13.58
N ARG A 125 -14.65 -7.23 13.71
CA ARG A 125 -15.59 -7.01 12.61
C ARG A 125 -15.49 -5.55 12.10
N LYS A 126 -15.45 -5.35 10.77
CA LYS A 126 -15.41 -4.01 10.19
C LYS A 126 -16.80 -3.36 10.43
N LEU A 127 -16.78 -2.07 10.77
CA LEU A 127 -18.00 -1.32 11.08
C LEU A 127 -18.37 -0.54 9.85
N MET A 128 -19.44 -0.97 9.17
CA MET A 128 -19.85 -0.30 7.95
C MET A 128 -20.94 0.71 8.26
N PRO A 129 -20.73 2.01 7.96
CA PRO A 129 -21.79 2.99 8.27
C PRO A 129 -23.02 2.80 7.41
N THR A 130 -24.19 3.13 7.98
CA THR A 130 -25.46 3.08 7.27
C THR A 130 -26.34 4.23 7.74
N ILE A 131 -27.32 4.56 6.89
CA ILE A 131 -28.32 5.59 7.13
C ILE A 131 -29.71 4.90 6.96
N GLU A 132 -30.71 5.40 7.67
CA GLU A 132 -32.07 4.84 7.63
C GLU A 132 -32.61 4.57 6.20
N GLU A 133 -32.32 5.49 5.27
CA GLU A 133 -32.74 5.40 3.87
C GLU A 133 -32.22 4.15 3.16
N GLU A 134 -31.02 3.67 3.53
CA GLU A 134 -30.44 2.48 2.88
C GLU A 134 -31.38 1.26 2.94
N LEU A 135 -32.31 1.20 3.90
CA LEU A 135 -33.30 0.11 3.98
C LEU A 135 -34.24 0.12 2.79
N ASP A 136 -34.55 1.30 2.23
CA ASP A 136 -35.39 1.40 1.05
C ASP A 136 -34.69 0.72 -0.14
N ARG A 137 -33.36 0.88 -0.29
CA ARG A 137 -32.63 0.23 -1.38
C ARG A 137 -32.45 -1.27 -1.14
N ARG A 138 -32.32 -1.71 0.12
CA ARG A 138 -32.24 -3.15 0.42
C ARG A 138 -33.60 -3.77 0.06
N SER A 139 -34.71 -3.11 0.46
CA SER A 139 -36.06 -3.58 0.13
C SER A 139 -36.35 -3.60 -1.37
N LEU A 140 -35.76 -2.68 -2.13
CA LEU A 140 -35.90 -2.66 -3.59
C LEU A 140 -35.27 -3.91 -4.19
N LEU A 141 -34.05 -4.30 -3.73
CA LEU A 141 -33.40 -5.48 -4.29
C LEU A 141 -34.21 -6.73 -3.95
N TYR A 142 -34.65 -6.85 -2.69
CA TYR A 142 -35.47 -7.99 -2.27
C TYR A 142 -36.78 -8.09 -3.08
N SER A 143 -37.35 -6.94 -3.46
CA SER A 143 -38.58 -6.88 -4.23
C SER A 143 -38.46 -7.44 -5.65
N LEU A 144 -37.24 -7.56 -6.18
CA LEU A 144 -37.01 -8.06 -7.55
C LEU A 144 -36.90 -9.57 -7.62
N LEU A 145 -36.64 -10.26 -6.51
CA LEU A 145 -36.34 -11.68 -6.54
C LEU A 145 -37.52 -12.57 -6.96
N MET A 146 -38.68 -12.41 -6.30
CA MET A 146 -39.83 -13.24 -6.64
C MET A 146 -40.37 -12.91 -8.05
N PRO A 147 -40.50 -11.65 -8.51
CA PRO A 147 -40.84 -11.40 -9.92
C PRO A 147 -39.91 -12.15 -10.91
N VAL A 148 -38.62 -12.25 -10.60
CA VAL A 148 -37.66 -12.99 -11.46
C VAL A 148 -37.95 -14.50 -11.37
N MET A 149 -38.05 -15.02 -10.17
CA MET A 149 -38.29 -16.44 -9.96
C MET A 149 -39.59 -16.91 -10.57
N ASP A 150 -40.66 -16.12 -10.40
CA ASP A 150 -42.00 -16.39 -10.89
C ASP A 150 -42.07 -16.68 -12.40
N GLN A 151 -41.11 -16.15 -13.17
CA GLN A 151 -41.06 -16.42 -14.60
C GLN A 151 -40.76 -17.91 -14.84
N PHE A 152 -39.84 -18.47 -14.04
CA PHE A 152 -39.35 -19.84 -14.18
C PHE A 152 -40.11 -20.87 -13.37
N VAL A 153 -40.55 -20.50 -12.16
CA VAL A 153 -41.28 -21.39 -11.25
C VAL A 153 -42.62 -20.72 -10.88
N PRO A 154 -43.68 -20.90 -11.69
CA PRO A 154 -44.98 -20.27 -11.35
C PRO A 154 -45.72 -20.94 -10.19
N GLY A 155 -46.65 -20.21 -9.58
CA GLY A 155 -47.49 -20.71 -8.49
C GLY A 155 -46.91 -20.61 -7.09
N LEU A 156 -45.80 -19.86 -6.88
CA LEU A 156 -45.22 -19.76 -5.54
C LEU A 156 -46.05 -18.91 -4.58
N ASP A 157 -46.94 -18.06 -5.10
CA ASP A 157 -47.88 -17.30 -4.28
C ASP A 157 -48.98 -18.20 -3.66
N LYS A 158 -49.10 -19.48 -4.10
CA LYS A 158 -50.12 -20.39 -3.58
C LYS A 158 -49.66 -21.25 -2.41
N GLY A 159 -48.47 -20.99 -1.89
CA GLY A 159 -47.95 -21.73 -0.77
C GLY A 159 -47.00 -20.88 0.05
N LYS A 160 -46.21 -21.54 0.87
CA LYS A 160 -45.30 -20.90 1.78
C LYS A 160 -43.85 -21.28 1.51
N GLY A 161 -42.93 -20.47 2.04
CA GLY A 161 -41.51 -20.73 2.00
C GLY A 161 -41.03 -21.06 3.39
N MET A 162 -40.31 -22.18 3.56
CA MET A 162 -39.75 -22.54 4.87
C MET A 162 -38.31 -22.06 4.87
N TYR A 163 -38.12 -20.84 5.39
CA TYR A 163 -36.80 -20.24 5.52
C TYR A 163 -36.39 -20.15 6.98
N PHE A 164 -35.15 -20.54 7.28
CA PHE A 164 -34.60 -20.48 8.62
C PHE A 164 -33.81 -19.17 8.66
N LEU A 165 -34.36 -18.15 9.32
CA LEU A 165 -33.76 -16.82 9.37
C LEU A 165 -33.39 -16.47 10.80
N PHE A 166 -32.19 -15.90 10.98
CA PHE A 166 -31.67 -15.67 12.32
C PHE A 166 -31.17 -14.27 12.61
N ILE A 167 -31.44 -13.80 13.84
CA ILE A 167 -30.86 -12.56 14.33
C ILE A 167 -29.61 -12.99 15.13
N LYS A 168 -28.55 -12.23 15.02
CA LYS A 168 -27.28 -12.54 15.64
C LYS A 168 -26.93 -11.48 16.70
N SER A 169 -25.85 -11.73 17.47
CA SER A 169 -25.45 -10.84 18.53
C SER A 169 -25.34 -9.36 18.15
N GLU A 170 -25.79 -8.51 19.07
CA GLU A 170 -25.82 -7.06 18.94
C GLU A 170 -24.91 -6.41 20.00
N SER A 171 -24.49 -5.18 19.74
CA SER A 171 -23.68 -4.41 20.68
C SER A 171 -23.88 -2.91 20.43
N LYS A 172 -23.35 -2.06 21.32
CA LYS A 172 -23.46 -0.60 21.16
C LYS A 172 -22.04 -0.03 21.14
N THR A 173 -21.84 0.98 20.31
CA THR A 173 -20.54 1.65 20.21
C THR A 173 -20.37 2.59 21.42
N PRO A 174 -19.14 3.05 21.79
CA PRO A 174 -19.02 3.99 22.91
C PRO A 174 -19.91 5.23 22.80
N GLY A 175 -20.12 5.72 21.58
CA GLY A 175 -20.99 6.87 21.33
C GLY A 175 -22.49 6.59 21.33
N GLY A 176 -22.88 5.34 21.64
CA GLY A 176 -24.27 4.95 21.75
C GLY A 176 -24.97 4.40 20.53
N LEU A 177 -24.29 4.35 19.36
CA LEU A 177 -24.94 3.85 18.15
C LEU A 177 -25.01 2.30 18.15
N PRO A 178 -26.10 1.68 17.64
CA PRO A 178 -26.11 0.22 17.55
C PRO A 178 -25.08 -0.30 16.53
N ALA A 179 -24.50 -1.46 16.83
CA ALA A 179 -23.54 -2.15 15.98
C ALA A 179 -24.09 -3.53 15.82
N ARG A 180 -24.61 -3.85 14.64
CA ARG A 180 -25.23 -5.16 14.41
C ARG A 180 -25.16 -5.63 12.98
N PRO A 181 -25.25 -6.94 12.70
CA PRO A 181 -25.16 -7.39 11.31
C PRO A 181 -26.33 -6.87 10.48
N VAL A 182 -26.07 -6.68 9.18
CA VAL A 182 -27.04 -6.14 8.23
C VAL A 182 -28.38 -6.92 8.24
N LEU A 183 -28.33 -8.26 8.32
CA LEU A 183 -29.57 -9.06 8.35
C LEU A 183 -30.36 -8.86 9.65
N THR A 184 -29.67 -8.78 10.79
CA THR A 184 -30.34 -8.52 12.08
C THR A 184 -31.00 -7.14 12.05
N SER A 185 -30.30 -6.15 11.47
CA SER A 185 -30.82 -4.80 11.31
C SER A 185 -32.09 -4.81 10.42
N TYR A 186 -32.07 -5.57 9.31
CA TYR A 186 -33.21 -5.64 8.40
C TYR A 186 -34.40 -6.35 9.04
N TYR A 187 -34.19 -7.52 9.69
CA TYR A 187 -35.31 -8.26 10.30
C TYR A 187 -35.98 -7.45 11.40
N LYS A 188 -35.20 -6.68 12.17
CA LYS A 188 -35.73 -5.83 13.23
C LYS A 188 -36.38 -4.54 12.71
N SER A 189 -36.15 -4.16 11.44
CA SER A 189 -36.74 -2.95 10.88
C SER A 189 -38.21 -3.19 10.50
N SER A 190 -38.98 -2.11 10.35
CA SER A 190 -40.38 -2.21 9.91
C SER A 190 -40.50 -2.76 8.48
N HIS A 191 -39.44 -2.66 7.66
CA HIS A 191 -39.45 -3.20 6.31
C HIS A 191 -39.71 -4.72 6.30
N PHE A 192 -39.39 -5.41 7.40
CA PHE A 192 -39.62 -6.84 7.53
C PHE A 192 -40.66 -7.14 8.62
N LYS A 193 -40.49 -6.54 9.81
CA LYS A 193 -41.38 -6.79 10.94
C LYS A 193 -42.82 -6.35 10.65
N ASN A 194 -43.02 -5.11 10.17
CA ASN A 194 -44.34 -4.58 9.82
C ASN A 194 -44.55 -4.62 8.29
N ARG A 195 -44.04 -5.66 7.62
CA ARG A 195 -44.18 -5.76 6.17
C ARG A 195 -45.64 -6.05 5.77
N PRO A 196 -46.13 -5.55 4.62
CA PRO A 196 -47.53 -5.86 4.23
C PRO A 196 -47.69 -7.32 3.79
N TYR A 197 -48.92 -7.86 3.82
CA TYR A 197 -49.16 -9.23 3.40
C TYR A 197 -48.88 -9.36 1.90
N ASP A 198 -47.87 -10.16 1.57
CA ASP A 198 -47.51 -10.49 0.19
C ASP A 198 -47.54 -12.02 0.16
N PRO A 199 -48.36 -12.66 -0.70
CA PRO A 199 -48.38 -14.14 -0.70
C PRO A 199 -47.06 -14.77 -1.16
N TYR A 200 -46.24 -14.01 -1.90
CA TYR A 200 -44.91 -14.42 -2.32
C TYR A 200 -43.87 -14.34 -1.17
N THR A 201 -44.16 -13.68 -0.02
CA THR A 201 -43.27 -13.62 1.16
C THR A 201 -43.99 -14.16 2.41
N ASN A 202 -44.78 -15.23 2.22
CA ASN A 202 -45.55 -15.87 3.26
C ASN A 202 -44.68 -17.02 3.73
N TYR A 203 -43.97 -16.81 4.83
CA TYR A 203 -43.04 -17.78 5.40
C TYR A 203 -43.66 -18.55 6.53
N THR A 204 -43.20 -19.79 6.74
CA THR A 204 -43.67 -20.66 7.83
C THR A 204 -43.24 -20.11 9.20
N SER A 205 -42.11 -19.39 9.26
CA SER A 205 -41.60 -18.85 10.51
C SER A 205 -42.26 -17.55 10.91
N PRO A 206 -43.02 -17.48 12.02
CA PRO A 206 -43.52 -16.17 12.49
C PRO A 206 -42.33 -15.22 12.79
N ASN A 207 -42.55 -13.91 12.66
CA ASN A 207 -41.52 -12.91 12.94
C ASN A 207 -40.89 -13.06 14.34
N GLN A 208 -41.68 -13.46 15.34
CA GLN A 208 -41.25 -13.61 16.72
C GLN A 208 -40.28 -14.79 16.89
N THR A 209 -40.36 -15.82 16.02
CA THR A 209 -39.41 -16.94 16.10
C THR A 209 -38.05 -16.50 15.53
N ILE A 210 -38.04 -15.64 14.50
CA ILE A 210 -36.84 -15.10 13.88
C ILE A 210 -36.20 -14.06 14.81
N LEU A 211 -37.03 -13.18 15.40
CA LEU A 211 -36.55 -12.10 16.26
C LEU A 211 -36.21 -12.52 17.69
N CYS A 212 -36.07 -13.83 17.94
CA CYS A 212 -35.75 -14.35 19.26
C CYS A 212 -34.22 -14.36 19.42
N SER A 213 -33.72 -13.76 20.51
CA SER A 213 -32.27 -13.68 20.78
C SER A 213 -31.63 -15.04 21.12
N ASP A 214 -32.39 -15.96 21.73
CA ASP A 214 -31.88 -17.29 22.04
C ASP A 214 -31.86 -18.12 20.73
N SER A 215 -30.67 -18.44 20.21
CA SER A 215 -30.54 -19.20 18.97
C SER A 215 -31.20 -20.56 19.02
N TYR A 216 -31.07 -21.30 20.14
CA TYR A 216 -31.70 -22.61 20.27
C TYR A 216 -33.21 -22.55 20.11
N GLN A 217 -33.87 -21.65 20.86
CA GLN A 217 -35.33 -21.46 20.83
C GLN A 217 -35.81 -20.99 19.46
N SER A 218 -35.00 -20.18 18.77
CA SER A 218 -35.32 -19.69 17.44
C SER A 218 -35.30 -20.86 16.46
N MET A 219 -34.25 -21.69 16.49
CA MET A 219 -34.16 -22.82 15.57
C MET A 219 -35.25 -23.85 15.87
N TYR A 220 -35.50 -24.11 17.15
CA TYR A 220 -36.50 -25.10 17.54
C TYR A 220 -37.89 -24.70 17.09
N SER A 221 -38.28 -23.46 17.36
CA SER A 221 -39.61 -22.96 16.98
C SER A 221 -39.81 -22.89 15.49
N GLN A 222 -38.77 -22.49 14.73
CA GLN A 222 -38.86 -22.39 13.27
C GLN A 222 -38.94 -23.79 12.65
N MET A 223 -38.20 -24.76 13.18
CA MET A 223 -38.27 -26.13 12.66
C MET A 223 -39.65 -26.71 12.95
N LEU A 224 -40.19 -26.47 14.16
CA LEU A 224 -41.51 -26.96 14.50
C LEU A 224 -42.57 -26.32 13.61
N CYS A 225 -42.53 -24.99 13.44
CA CYS A 225 -43.50 -24.31 12.58
C CYS A 225 -43.40 -24.82 11.13
N GLY A 226 -42.18 -25.08 10.66
CA GLY A 226 -41.93 -25.65 9.35
C GLY A 226 -42.55 -27.02 9.15
N LEU A 227 -42.48 -27.88 10.19
CA LEU A 227 -43.07 -29.23 10.14
C LEU A 227 -44.59 -29.19 10.25
N CYS A 228 -45.14 -28.31 11.11
CA CYS A 228 -46.59 -28.15 11.28
C CYS A 228 -47.30 -27.77 9.95
N GLN A 229 -46.64 -26.96 9.10
CA GLN A 229 -47.20 -26.47 7.84
C GLN A 229 -46.51 -27.12 6.63
N HIS A 230 -46.04 -28.38 6.77
CA HIS A 230 -45.23 -29.04 5.75
C HIS A 230 -45.85 -29.21 4.35
N LYS A 231 -47.17 -29.42 4.27
CA LYS A 231 -47.84 -29.59 2.96
C LYS A 231 -47.90 -28.26 2.19
N GLU A 232 -47.91 -27.12 2.89
CA GLU A 232 -47.98 -25.79 2.26
C GLU A 232 -46.61 -25.32 1.71
N VAL A 233 -45.50 -25.98 2.09
CA VAL A 233 -44.15 -25.59 1.72
C VAL A 233 -43.82 -25.89 0.24
N LEU A 234 -43.53 -24.84 -0.55
CA LEU A 234 -43.14 -24.98 -1.97
C LEU A 234 -41.67 -24.69 -2.23
N ARG A 235 -40.95 -24.13 -1.25
CA ARG A 235 -39.52 -23.82 -1.34
C ARG A 235 -38.95 -23.78 0.08
N VAL A 236 -37.68 -24.18 0.22
CA VAL A 236 -36.99 -24.24 1.51
C VAL A 236 -35.67 -23.51 1.39
N GLY A 237 -35.15 -23.03 2.51
CA GLY A 237 -33.86 -22.36 2.48
C GLY A 237 -33.44 -21.60 3.72
N ALA A 238 -32.42 -20.79 3.50
CA ALA A 238 -31.74 -19.91 4.47
C ALA A 238 -30.86 -18.95 3.65
N VAL A 239 -30.29 -17.89 4.24
CA VAL A 239 -29.44 -16.97 3.49
C VAL A 239 -28.23 -17.72 2.90
N PHE A 240 -27.55 -18.53 3.74
CA PHE A 240 -26.39 -19.32 3.36
C PHE A 240 -26.61 -20.84 3.51
N ALA A 241 -25.92 -21.62 2.67
CA ALA A 241 -25.96 -23.08 2.69
C ALA A 241 -25.65 -23.66 4.07
N SER A 242 -24.62 -23.15 4.75
CA SER A 242 -24.21 -23.63 6.07
C SER A 242 -25.35 -23.56 7.10
N GLY A 243 -26.07 -22.44 7.13
CA GLY A 243 -27.19 -22.24 8.03
C GLY A 243 -28.34 -23.21 7.81
N PHE A 244 -28.62 -23.55 6.54
CA PHE A 244 -29.67 -24.50 6.20
C PHE A 244 -29.25 -25.94 6.56
N ILE A 245 -28.00 -26.26 6.28
CA ILE A 245 -27.35 -27.52 6.66
C ILE A 245 -27.45 -27.72 8.21
N ARG A 246 -27.27 -26.65 8.98
CA ARG A 246 -27.39 -26.70 10.43
C ARG A 246 -28.82 -26.91 10.90
N ALA A 247 -29.79 -26.38 10.16
CA ALA A 247 -31.20 -26.60 10.45
C ALA A 247 -31.52 -28.09 10.25
N ILE A 248 -30.98 -28.71 9.17
CA ILE A 248 -31.19 -30.15 8.93
C ILE A 248 -30.57 -30.94 10.04
N LYS A 249 -29.35 -30.54 10.49
CA LYS A 249 -28.69 -31.20 11.59
C LYS A 249 -29.50 -31.05 12.88
N PHE A 250 -30.15 -29.89 13.11
CA PHE A 250 -30.99 -29.68 14.28
C PHE A 250 -32.16 -30.68 14.29
N LEU A 251 -32.78 -30.91 13.14
CA LEU A 251 -33.85 -31.89 13.02
C LEU A 251 -33.32 -33.30 13.28
N GLU A 252 -32.08 -33.61 12.84
CA GLU A 252 -31.43 -34.91 13.09
C GLU A 252 -31.31 -35.17 14.59
N LYS A 253 -31.04 -34.13 15.38
CA LYS A 253 -30.89 -34.26 16.83
C LYS A 253 -32.19 -34.15 17.61
N HIS A 254 -33.17 -33.33 17.18
CA HIS A 254 -34.35 -33.07 17.97
C HIS A 254 -35.67 -33.52 17.36
N TRP A 255 -35.67 -34.29 16.25
CA TRP A 255 -36.94 -34.75 15.65
C TRP A 255 -37.82 -35.52 16.65
N PRO A 256 -37.29 -36.36 17.59
CA PRO A 256 -38.18 -37.03 18.56
C PRO A 256 -38.90 -36.04 19.50
N GLU A 257 -38.24 -34.94 19.90
CA GLU A 257 -38.84 -33.91 20.76
C GLU A 257 -39.90 -33.14 19.95
N LEU A 258 -39.56 -32.79 18.73
CA LEU A 258 -40.43 -32.02 17.84
C LEU A 258 -41.69 -32.82 17.46
N ALA A 259 -41.56 -34.10 17.14
CA ALA A 259 -42.70 -34.93 16.81
C ALA A 259 -43.62 -35.07 18.04
N ARG A 260 -43.06 -35.14 19.25
CA ARG A 260 -43.83 -35.20 20.49
C ARG A 260 -44.72 -33.93 20.61
N ASP A 261 -44.15 -32.74 20.34
CA ASP A 261 -44.88 -31.46 20.38
C ASP A 261 -46.02 -31.45 19.38
N ILE A 262 -45.82 -32.01 18.18
CA ILE A 262 -46.86 -32.09 17.16
C ILE A 262 -47.98 -33.00 17.70
N ARG A 263 -47.63 -34.20 18.18
CA ARG A 263 -48.63 -35.15 18.68
C ARG A 263 -49.46 -34.60 19.83
N THR A 264 -48.82 -33.97 20.79
CA THR A 264 -49.51 -33.45 21.98
C THR A 264 -50.13 -32.06 21.76
N GLY A 265 -49.58 -31.29 20.82
CA GLY A 265 -50.03 -29.93 20.58
C GLY A 265 -49.52 -28.94 21.61
N THR A 266 -48.53 -29.35 22.46
CA THR A 266 -47.91 -28.55 23.50
C THR A 266 -46.44 -28.33 23.12
N LEU A 267 -45.94 -27.10 23.26
CA LEU A 267 -44.56 -26.78 22.92
C LEU A 267 -43.66 -27.12 24.10
N SER A 268 -42.45 -27.61 23.79
CA SER A 268 -41.38 -27.94 24.74
C SER A 268 -41.23 -26.89 25.85
N SER A 269 -41.06 -27.35 27.10
CA SER A 269 -40.84 -26.47 28.23
C SER A 269 -39.49 -25.71 28.12
N GLU A 270 -38.57 -26.15 27.23
CA GLU A 270 -37.30 -25.45 27.00
C GLU A 270 -37.51 -24.11 26.26
N ILE A 271 -38.67 -23.90 25.61
CA ILE A 271 -38.96 -22.65 24.94
C ILE A 271 -39.63 -21.75 25.97
N THR A 272 -38.80 -21.01 26.70
CA THR A 272 -39.22 -20.13 27.79
C THR A 272 -39.65 -18.74 27.33
N ASP A 273 -39.25 -18.31 26.13
CA ASP A 273 -39.60 -16.99 25.62
C ASP A 273 -41.09 -16.93 25.35
N SER A 274 -41.80 -16.03 26.05
CA SER A 274 -43.25 -15.89 25.93
C SER A 274 -43.71 -15.42 24.56
N SER A 275 -42.94 -14.55 23.88
CA SER A 275 -43.31 -14.07 22.53
C SER A 275 -43.27 -15.23 21.53
N VAL A 276 -42.31 -16.13 21.67
CA VAL A 276 -42.17 -17.30 20.80
C VAL A 276 -43.32 -18.27 21.11
N ARG A 277 -43.61 -18.50 22.40
CA ARG A 277 -44.69 -19.38 22.81
C ARG A 277 -46.05 -18.95 22.23
N GLU A 278 -46.36 -17.64 22.25
CA GLU A 278 -47.62 -17.13 21.70
C GLU A 278 -47.66 -17.31 20.18
N ALA A 279 -46.55 -16.99 19.48
CA ALA A 279 -46.47 -17.13 18.03
C ALA A 279 -46.62 -18.60 17.57
N VAL A 280 -45.93 -19.53 18.25
CA VAL A 280 -46.03 -20.97 17.94
C VAL A 280 -47.43 -21.49 18.30
N GLY A 281 -48.05 -20.97 19.36
CA GLY A 281 -49.38 -21.36 19.78
C GLY A 281 -50.45 -21.15 18.71
N GLU A 282 -50.31 -20.13 17.86
CA GLU A 282 -51.28 -19.87 16.80
C GLU A 282 -51.12 -20.82 15.57
N ILE A 283 -50.12 -21.73 15.56
CA ILE A 283 -49.89 -22.71 14.47
C ILE A 283 -49.95 -24.16 15.01
N LEU A 284 -49.32 -24.42 16.15
CA LEU A 284 -49.25 -25.76 16.72
C LEU A 284 -50.59 -26.25 17.21
N LYS A 285 -51.03 -27.41 16.66
CA LYS A 285 -52.26 -28.09 17.05
C LYS A 285 -51.95 -29.60 17.24
N PRO A 286 -52.63 -30.35 18.14
CA PRO A 286 -52.32 -31.79 18.26
C PRO A 286 -52.62 -32.52 16.96
N ASP A 287 -51.63 -33.24 16.43
CA ASP A 287 -51.73 -33.94 15.16
C ASP A 287 -50.94 -35.28 15.24
N PRO A 288 -51.50 -36.32 15.88
CA PRO A 288 -50.75 -37.59 15.98
C PRO A 288 -50.32 -38.21 14.65
N LYS A 289 -51.12 -38.05 13.59
CA LYS A 289 -50.78 -38.61 12.27
C LYS A 289 -49.58 -37.90 11.67
N LEU A 290 -49.48 -36.57 11.82
CA LEU A 290 -48.32 -35.83 11.31
C LEU A 290 -47.10 -36.22 12.14
N ALA A 291 -47.26 -36.38 13.47
CA ALA A 291 -46.18 -36.82 14.35
C ALA A 291 -45.68 -38.21 13.90
N ASP A 292 -46.59 -39.15 13.61
CA ASP A 292 -46.24 -40.50 13.13
C ASP A 292 -45.44 -40.43 11.84
N PHE A 293 -45.86 -39.55 10.92
CA PHE A 293 -45.23 -39.37 9.62
C PHE A 293 -43.83 -38.78 9.76
N VAL A 294 -43.68 -37.75 10.62
CA VAL A 294 -42.39 -37.11 10.88
C VAL A 294 -41.44 -38.15 11.47
N GLU A 295 -41.94 -38.94 12.44
CA GLU A 295 -41.15 -40.00 13.06
C GLU A 295 -40.71 -41.04 12.01
N SER A 296 -41.65 -41.52 11.17
CA SER A 296 -41.35 -42.53 10.17
C SER A 296 -40.25 -42.12 9.16
N GLU A 297 -40.22 -40.84 8.73
CA GLU A 297 -39.19 -40.38 7.80
C GLU A 297 -37.85 -40.15 8.46
N CYS A 298 -37.84 -39.59 9.66
CA CYS A 298 -36.62 -39.29 10.38
C CYS A 298 -35.95 -40.54 10.95
N ARG A 299 -36.74 -41.56 11.33
CA ARG A 299 -36.21 -42.85 11.83
C ARG A 299 -35.30 -43.55 10.84
N LYS A 300 -35.51 -43.33 9.56
CA LYS A 300 -34.76 -44.00 8.51
C LYS A 300 -33.26 -43.78 8.64
N THR A 301 -32.48 -44.82 8.33
CA THR A 301 -31.02 -44.75 8.46
C THR A 301 -30.45 -43.71 7.50
N SER A 302 -30.89 -43.75 6.25
CA SER A 302 -30.46 -42.80 5.22
C SER A 302 -31.36 -41.59 5.24
N TRP A 303 -30.76 -40.39 5.31
CA TRP A 303 -31.48 -39.11 5.21
C TRP A 303 -31.36 -38.51 3.79
N GLN A 304 -31.01 -39.34 2.76
CA GLN A 304 -30.94 -38.90 1.39
C GLN A 304 -32.35 -38.61 0.92
N GLY A 305 -32.65 -37.34 0.66
CA GLY A 305 -33.97 -36.93 0.22
C GLY A 305 -34.98 -36.63 1.31
N ILE A 306 -34.51 -36.42 2.57
CA ILE A 306 -35.38 -36.08 3.71
C ILE A 306 -36.21 -34.79 3.45
N ILE A 307 -35.67 -33.83 2.69
CA ILE A 307 -36.38 -32.59 2.42
C ILE A 307 -37.61 -32.88 1.56
N THR A 308 -37.48 -33.66 0.49
CA THR A 308 -38.63 -33.98 -0.41
C THR A 308 -39.65 -34.93 0.23
N ARG A 309 -39.24 -35.67 1.26
CA ARG A 309 -40.10 -36.62 1.94
C ARG A 309 -40.91 -35.86 3.01
N LEU A 310 -40.26 -34.98 3.79
CA LEU A 310 -40.99 -34.21 4.82
C LEU A 310 -41.80 -33.06 4.23
N TRP A 311 -41.23 -32.33 3.26
CA TRP A 311 -41.86 -31.22 2.57
C TRP A 311 -42.01 -31.66 1.10
N PRO A 312 -43.04 -32.47 0.78
CA PRO A 312 -43.12 -33.06 -0.56
C PRO A 312 -43.39 -32.12 -1.73
N ASN A 313 -43.88 -30.90 -1.49
CA ASN A 313 -44.15 -29.94 -2.56
C ASN A 313 -43.02 -28.95 -2.80
N THR A 314 -41.82 -29.19 -2.23
CA THR A 314 -40.67 -28.32 -2.42
C THR A 314 -40.20 -28.40 -3.88
N LYS A 315 -40.04 -27.22 -4.49
CA LYS A 315 -39.60 -27.07 -5.87
C LYS A 315 -38.09 -26.81 -5.96
N TYR A 316 -37.51 -26.15 -4.95
CA TYR A 316 -36.08 -25.85 -4.94
C TYR A 316 -35.56 -25.51 -3.55
N VAL A 317 -34.24 -25.56 -3.39
CA VAL A 317 -33.56 -25.18 -2.15
C VAL A 317 -32.91 -23.82 -2.49
N ASP A 318 -33.27 -22.78 -1.75
CA ASP A 318 -32.84 -21.40 -1.94
C ASP A 318 -31.82 -21.03 -0.87
N VAL A 319 -30.55 -21.23 -1.22
CA VAL A 319 -29.41 -20.94 -0.37
C VAL A 319 -28.26 -20.44 -1.27
N ILE A 320 -27.41 -19.58 -0.73
CA ILE A 320 -26.24 -19.14 -1.48
C ILE A 320 -25.25 -20.31 -1.45
N VAL A 321 -24.86 -20.78 -2.65
CA VAL A 321 -23.84 -21.82 -2.83
C VAL A 321 -22.74 -21.35 -3.80
N THR A 322 -22.55 -20.03 -3.92
CA THR A 322 -21.48 -19.43 -4.68
C THR A 322 -20.45 -18.99 -3.64
N GLY A 323 -19.22 -18.88 -4.08
CA GLY A 323 -18.12 -18.53 -3.21
C GLY A 323 -17.71 -19.73 -2.38
N THR A 324 -17.31 -19.47 -1.15
CA THR A 324 -16.86 -20.51 -0.22
C THR A 324 -18.01 -21.50 0.08
N MET A 325 -19.28 -21.02 0.06
CA MET A 325 -20.45 -21.86 0.32
C MET A 325 -20.65 -23.03 -0.64
N SER A 326 -19.92 -23.05 -1.76
CA SER A 326 -19.99 -24.13 -2.74
C SER A 326 -19.52 -25.47 -2.17
N GLN A 327 -18.68 -25.45 -1.10
CA GLN A 327 -18.25 -26.66 -0.44
C GLN A 327 -19.44 -27.48 0.12
N TYR A 328 -20.62 -26.88 0.25
CA TYR A 328 -21.80 -27.57 0.77
C TYR A 328 -22.71 -28.15 -0.27
N ILE A 329 -22.44 -27.96 -1.56
CA ILE A 329 -23.32 -28.47 -2.62
C ILE A 329 -23.56 -30.00 -2.48
N PRO A 330 -22.54 -30.86 -2.32
CA PRO A 330 -22.81 -32.30 -2.13
C PRO A 330 -23.72 -32.66 -0.95
N THR A 331 -23.60 -31.96 0.18
CA THR A 331 -24.44 -32.25 1.35
C THR A 331 -25.88 -31.85 1.06
N LEU A 332 -26.07 -30.68 0.45
CA LEU A 332 -27.40 -30.22 0.12
C LEU A 332 -28.07 -31.12 -0.90
N ASP A 333 -27.32 -31.58 -1.91
CA ASP A 333 -27.84 -32.51 -2.91
C ASP A 333 -28.22 -33.86 -2.30
N TYR A 334 -27.50 -34.29 -1.25
CA TYR A 334 -27.82 -35.52 -0.53
C TYR A 334 -29.19 -35.38 0.16
N TYR A 335 -29.37 -34.34 1.01
CA TYR A 335 -30.62 -34.15 1.74
C TYR A 335 -31.81 -33.77 0.87
N SER A 336 -31.57 -33.18 -0.30
CA SER A 336 -32.67 -32.80 -1.20
C SER A 336 -32.92 -33.78 -2.36
N ASN A 337 -32.05 -34.79 -2.54
CA ASN A 337 -32.14 -35.76 -3.61
C ASN A 337 -32.05 -35.05 -4.98
N GLY A 338 -31.14 -34.10 -5.09
CA GLY A 338 -30.94 -33.37 -6.34
C GLY A 338 -31.97 -32.32 -6.74
N LEU A 339 -32.63 -31.65 -5.76
CA LEU A 339 -33.55 -30.54 -6.12
C LEU A 339 -32.68 -29.35 -6.63
N PRO A 340 -33.21 -28.43 -7.44
CA PRO A 340 -32.39 -27.28 -7.86
C PRO A 340 -31.92 -26.44 -6.68
N LEU A 341 -30.67 -25.96 -6.73
CA LEU A 341 -30.08 -25.06 -5.73
C LEU A 341 -30.12 -23.69 -6.36
N VAL A 342 -30.76 -22.74 -5.68
CA VAL A 342 -30.98 -21.39 -6.20
C VAL A 342 -30.21 -20.33 -5.39
N CYS A 343 -29.38 -19.55 -6.09
CA CYS A 343 -28.59 -18.44 -5.54
C CYS A 343 -29.27 -17.19 -6.04
N THR A 344 -30.04 -16.49 -5.20
CA THR A 344 -30.85 -15.37 -5.66
C THR A 344 -30.16 -13.99 -5.70
N MET A 345 -29.31 -13.66 -4.71
CA MET A 345 -28.67 -12.35 -4.69
C MET A 345 -27.28 -12.33 -4.06
N TYR A 346 -26.55 -11.23 -4.34
CA TYR A 346 -25.19 -10.96 -3.93
C TYR A 346 -25.26 -9.61 -3.21
N ALA A 347 -24.86 -9.59 -1.94
CA ALA A 347 -24.96 -8.41 -1.09
C ALA A 347 -23.89 -8.37 0.00
N SER A 348 -23.70 -7.21 0.63
CA SER A 348 -22.77 -7.05 1.73
C SER A 348 -23.33 -6.05 2.76
N SER A 349 -22.64 -5.91 3.89
CA SER A 349 -22.97 -4.95 4.94
C SER A 349 -22.83 -3.53 4.43
N GLU A 350 -21.80 -3.25 3.64
CA GLU A 350 -21.59 -1.93 3.08
C GLU A 350 -22.56 -1.58 1.97
N CYS A 351 -23.06 -2.59 1.23
CA CYS A 351 -23.86 -2.31 0.06
C CYS A 351 -24.49 -3.58 -0.51
N TYR A 352 -25.76 -3.51 -0.91
CA TYR A 352 -26.45 -4.62 -1.59
C TYR A 352 -26.09 -4.45 -3.10
N PHE A 353 -25.70 -5.53 -3.78
CA PHE A 353 -25.15 -5.41 -5.13
C PHE A 353 -26.06 -5.84 -6.30
N GLY A 354 -26.44 -7.13 -6.36
CA GLY A 354 -27.16 -7.64 -7.50
C GLY A 354 -27.98 -8.88 -7.28
N VAL A 355 -28.71 -9.25 -8.36
CA VAL A 355 -29.61 -10.39 -8.37
C VAL A 355 -29.24 -11.33 -9.51
N ASN A 356 -29.52 -12.63 -9.33
CA ASN A 356 -29.29 -13.65 -10.34
C ASN A 356 -30.53 -13.70 -11.23
N LEU A 357 -30.37 -13.39 -12.52
CA LEU A 357 -31.50 -13.39 -13.46
C LEU A 357 -31.74 -14.75 -14.14
N ARG A 358 -30.97 -15.78 -13.76
CA ARG A 358 -31.14 -17.15 -14.20
C ARG A 358 -31.12 -18.01 -12.94
N PRO A 359 -32.12 -17.87 -12.04
CA PRO A 359 -32.08 -18.62 -10.78
C PRO A 359 -32.07 -20.14 -10.91
N LEU A 360 -32.61 -20.72 -12.00
CA LEU A 360 -32.60 -22.15 -12.22
C LEU A 360 -31.34 -22.67 -12.94
N CYS A 361 -30.30 -21.84 -13.09
CA CYS A 361 -29.04 -22.27 -13.69
C CYS A 361 -28.30 -23.22 -12.71
N LYS A 362 -27.24 -23.89 -13.20
CA LYS A 362 -26.40 -24.80 -12.40
C LYS A 362 -25.52 -23.96 -11.44
N PRO A 363 -25.26 -24.36 -10.16
CA PRO A 363 -24.41 -23.51 -9.28
C PRO A 363 -23.10 -22.97 -9.86
N SER A 364 -22.42 -23.72 -10.72
CA SER A 364 -21.16 -23.27 -11.34
C SER A 364 -21.35 -22.21 -12.43
N GLU A 365 -22.59 -22.07 -12.95
CA GLU A 365 -22.93 -21.11 -14.00
C GLU A 365 -23.56 -19.80 -13.45
N VAL A 366 -23.61 -19.62 -12.12
CA VAL A 366 -24.27 -18.45 -11.55
C VAL A 366 -23.51 -17.16 -11.82
N SER A 367 -24.23 -16.15 -12.31
CA SER A 367 -23.73 -14.81 -12.50
C SER A 367 -24.77 -13.84 -11.90
N TYR A 368 -24.29 -12.77 -11.30
CA TYR A 368 -25.13 -11.77 -10.64
C TYR A 368 -25.08 -10.48 -11.42
N THR A 369 -26.25 -9.94 -11.75
CA THR A 369 -26.40 -8.70 -12.47
C THR A 369 -26.51 -7.61 -11.43
N LEU A 370 -25.54 -6.70 -11.38
CA LEU A 370 -25.55 -5.63 -10.41
C LEU A 370 -26.61 -4.62 -10.80
N ILE A 371 -27.43 -4.20 -9.84
CA ILE A 371 -28.49 -3.25 -10.08
C ILE A 371 -27.89 -1.86 -9.94
N PRO A 372 -27.85 -1.04 -11.00
CA PRO A 372 -27.17 0.25 -10.91
C PRO A 372 -27.78 1.31 -9.98
N ASN A 373 -28.97 1.10 -9.42
CA ASN A 373 -29.58 2.04 -8.46
C ASN A 373 -29.01 1.91 -7.04
N MET A 374 -28.31 0.82 -6.74
CA MET A 374 -27.85 0.53 -5.38
C MET A 374 -26.70 1.41 -4.94
N ALA A 375 -25.73 1.64 -5.84
CA ALA A 375 -24.53 2.40 -5.54
C ALA A 375 -23.76 2.68 -6.82
N TYR A 376 -22.77 3.60 -6.77
CA TYR A 376 -21.94 3.87 -7.94
C TYR A 376 -20.78 2.85 -7.90
N PHE A 377 -20.80 1.88 -8.82
CA PHE A 377 -19.82 0.81 -8.89
C PHE A 377 -18.68 1.11 -9.86
N GLU A 378 -17.45 0.76 -9.44
CA GLU A 378 -16.22 0.87 -10.21
C GLU A 378 -15.46 -0.46 -10.11
N PHE A 379 -14.57 -0.71 -11.09
CA PHE A 379 -13.89 -1.98 -11.24
C PHE A 379 -12.39 -1.82 -11.48
N LEU A 380 -11.58 -2.41 -10.59
CA LEU A 380 -10.13 -2.39 -10.67
C LEU A 380 -9.70 -3.67 -11.37
N PRO A 381 -9.05 -3.64 -12.56
CA PRO A 381 -8.64 -4.91 -13.19
C PRO A 381 -7.61 -5.66 -12.37
N VAL A 382 -7.72 -7.00 -12.34
CA VAL A 382 -6.77 -7.85 -11.61
C VAL A 382 -6.12 -8.86 -12.57
N HIS A 383 -4.86 -9.21 -12.29
CA HIS A 383 -4.05 -10.09 -13.15
C HIS A 383 -3.22 -11.07 -12.30
N LYS A 396 -2.39 -3.99 -1.14
CA LYS A 396 -1.92 -3.72 -2.49
C LYS A 396 -2.12 -2.24 -2.83
N ALA A 397 -1.01 -1.49 -3.04
CA ALA A 397 -1.12 -0.06 -3.38
C ALA A 397 -1.52 0.14 -4.83
N LEU A 398 -2.29 1.19 -5.10
CA LEU A 398 -2.68 1.51 -6.47
C LEU A 398 -1.98 2.79 -6.89
N THR A 399 -1.51 2.82 -8.13
CA THR A 399 -0.85 4.02 -8.65
C THR A 399 -1.94 5.07 -8.92
N GLU A 400 -1.53 6.35 -9.02
CA GLU A 400 -2.43 7.46 -9.35
C GLU A 400 -3.16 7.18 -10.67
N LYS A 401 -2.43 6.67 -11.69
CA LYS A 401 -3.01 6.32 -12.98
C LYS A 401 -4.08 5.22 -12.83
N GLU A 402 -3.77 4.13 -12.10
CA GLU A 402 -4.70 3.01 -11.87
C GLU A 402 -5.98 3.46 -11.18
N GLN A 403 -5.87 4.36 -10.18
CA GLN A 403 -7.03 4.87 -9.45
C GLN A 403 -7.92 5.71 -10.37
N GLN A 404 -7.30 6.55 -11.18
CA GLN A 404 -8.01 7.39 -12.13
C GLN A 404 -8.73 6.60 -13.22
N GLU A 405 -8.07 5.58 -13.79
CA GLU A 405 -8.66 4.82 -14.88
C GLU A 405 -9.45 3.56 -14.40
N LEU A 406 -10.14 3.63 -13.22
CA LEU A 406 -10.98 2.52 -12.76
C LEU A 406 -12.13 2.38 -13.79
N VAL A 407 -12.49 1.14 -14.13
CA VAL A 407 -13.46 0.87 -15.17
C VAL A 407 -14.87 1.04 -14.63
N ASP A 408 -15.74 1.69 -15.41
CA ASP A 408 -17.13 1.86 -14.99
C ASP A 408 -17.91 0.57 -15.28
N LEU A 409 -19.03 0.43 -14.59
CA LEU A 409 -19.92 -0.72 -14.69
C LEU A 409 -20.19 -1.20 -16.15
N VAL A 410 -20.62 -0.32 -17.03
CA VAL A 410 -20.92 -0.70 -18.42
C VAL A 410 -19.67 -0.99 -19.28
N ASP A 411 -18.49 -0.51 -18.87
CA ASP A 411 -17.26 -0.66 -19.66
C ASP A 411 -16.43 -1.90 -19.33
N VAL A 412 -16.87 -2.75 -18.41
CA VAL A 412 -16.13 -3.99 -18.08
C VAL A 412 -16.16 -4.95 -19.29
N LYS A 413 -15.09 -5.73 -19.46
CA LYS A 413 -14.95 -6.61 -20.61
C LYS A 413 -15.15 -8.09 -20.29
N LEU A 414 -15.80 -8.82 -21.21
CA LEU A 414 -16.13 -10.24 -21.08
C LEU A 414 -14.90 -11.09 -20.77
N GLY A 415 -15.01 -11.95 -19.75
CA GLY A 415 -13.93 -12.84 -19.35
C GLY A 415 -12.87 -12.25 -18.44
N GLN A 416 -12.84 -10.91 -18.30
CA GLN A 416 -11.85 -10.26 -17.44
C GLN A 416 -12.29 -10.27 -15.99
N GLU A 417 -11.31 -10.35 -15.07
CA GLU A 417 -11.52 -10.35 -13.63
C GLU A 417 -11.26 -8.96 -13.05
N TYR A 418 -12.05 -8.58 -12.05
CA TYR A 418 -11.98 -7.26 -11.43
C TYR A 418 -12.25 -7.31 -9.94
N GLU A 419 -11.71 -6.34 -9.21
CA GLU A 419 -12.03 -6.17 -7.82
C GLU A 419 -13.18 -5.12 -7.77
N LEU A 420 -14.22 -5.37 -6.96
CA LEU A 420 -15.35 -4.47 -6.86
C LEU A 420 -15.02 -3.28 -5.95
N VAL A 421 -15.27 -2.06 -6.45
CA VAL A 421 -15.04 -0.78 -5.76
C VAL A 421 -16.40 -0.09 -5.71
N VAL A 422 -16.81 0.39 -4.53
CA VAL A 422 -18.16 0.94 -4.37
C VAL A 422 -18.18 2.34 -3.70
N THR A 423 -19.13 3.17 -4.15
CA THR A 423 -19.38 4.51 -3.61
C THR A 423 -20.86 4.47 -3.24
N THR A 424 -21.16 4.56 -1.93
CA THR A 424 -22.49 4.38 -1.39
C THR A 424 -23.12 5.67 -0.86
N TYR A 425 -24.45 5.61 -0.60
CA TYR A 425 -25.19 6.71 0.01
C TYR A 425 -24.86 6.87 1.51
N ALA A 426 -24.25 5.85 2.15
CA ALA A 426 -23.90 5.87 3.56
C ALA A 426 -22.45 6.25 3.89
N GLY A 427 -21.84 7.09 3.07
CA GLY A 427 -20.51 7.62 3.36
C GLY A 427 -19.28 6.86 2.94
N LEU A 428 -19.39 5.87 2.04
CA LEU A 428 -18.19 5.19 1.52
C LEU A 428 -17.94 5.73 0.15
N TYR A 429 -16.70 6.16 -0.11
CA TYR A 429 -16.33 6.74 -1.41
C TYR A 429 -15.17 5.96 -1.95
N ARG A 430 -15.36 5.32 -3.10
CA ARG A 430 -14.35 4.51 -3.78
C ARG A 430 -13.72 3.50 -2.83
N TYR A 431 -14.57 2.71 -2.17
CA TYR A 431 -14.19 1.73 -1.18
C TYR A 431 -13.99 0.37 -1.83
N ARG A 432 -12.86 -0.28 -1.58
CA ARG A 432 -12.54 -1.59 -2.12
C ARG A 432 -13.23 -2.64 -1.24
N VAL A 433 -14.16 -3.38 -1.82
CA VAL A 433 -14.90 -4.40 -1.09
C VAL A 433 -14.00 -5.63 -0.80
N GLY A 434 -13.14 -5.96 -1.75
CA GLY A 434 -12.23 -7.08 -1.66
C GLY A 434 -12.74 -8.29 -2.42
N ASP A 435 -13.90 -8.15 -3.11
CA ASP A 435 -14.45 -9.23 -3.90
C ASP A 435 -13.89 -9.18 -5.28
N VAL A 436 -13.49 -10.34 -5.81
CA VAL A 436 -12.99 -10.51 -7.17
C VAL A 436 -14.13 -11.17 -7.96
N LEU A 437 -14.53 -10.51 -9.08
CA LEU A 437 -15.64 -10.90 -9.91
C LEU A 437 -15.16 -11.07 -11.35
N SER A 438 -15.76 -12.01 -12.10
CA SER A 438 -15.42 -12.22 -13.50
C SER A 438 -16.64 -11.89 -14.37
N VAL A 439 -16.45 -11.29 -15.55
CA VAL A 439 -17.57 -10.92 -16.42
C VAL A 439 -18.00 -12.14 -17.22
N ALA A 440 -19.21 -12.65 -16.92
CA ALA A 440 -19.83 -13.81 -17.60
C ALA A 440 -20.68 -13.45 -18.81
N GLY A 441 -21.18 -12.22 -18.84
CA GLY A 441 -22.07 -11.76 -19.89
C GLY A 441 -22.71 -10.44 -19.54
N PHE A 442 -23.74 -10.05 -20.29
CA PHE A 442 -24.42 -8.78 -20.13
C PHE A 442 -25.93 -8.95 -20.25
N LYS A 443 -26.69 -8.20 -19.43
CA LYS A 443 -28.14 -8.11 -19.50
C LYS A 443 -28.36 -6.70 -20.01
N ASN A 444 -28.63 -6.57 -21.33
CA ASN A 444 -28.75 -5.30 -22.04
C ASN A 444 -27.34 -4.65 -21.97
N ASN A 445 -27.13 -3.55 -21.22
CA ASN A 445 -25.82 -2.95 -21.05
C ASN A 445 -25.18 -3.25 -19.67
N ALA A 446 -25.92 -3.85 -18.74
CA ALA A 446 -25.43 -4.12 -17.42
C ALA A 446 -24.66 -5.45 -17.39
N PRO A 447 -23.45 -5.48 -16.82
CA PRO A 447 -22.71 -6.75 -16.76
C PRO A 447 -23.25 -7.73 -15.72
N GLN A 448 -22.97 -9.01 -15.96
CA GLN A 448 -23.35 -10.15 -15.14
C GLN A 448 -22.03 -10.76 -14.69
N PHE A 449 -21.87 -10.95 -13.39
CA PHE A 449 -20.62 -11.39 -12.81
C PHE A 449 -20.64 -12.72 -12.12
N SER A 450 -19.64 -13.56 -12.40
CA SER A 450 -19.40 -14.78 -11.64
C SER A 450 -18.60 -14.34 -10.41
N PHE A 451 -18.96 -14.85 -9.22
CA PHE A 451 -18.23 -14.52 -8.00
C PHE A 451 -16.99 -15.41 -7.94
N ILE A 452 -15.79 -14.83 -7.85
CA ILE A 452 -14.57 -15.63 -7.78
C ILE A 452 -14.20 -15.88 -6.30
N CYS A 453 -13.95 -14.82 -5.52
CA CYS A 453 -13.58 -14.96 -4.11
C CYS A 453 -13.61 -13.62 -3.37
N ARG A 454 -13.47 -13.64 -2.05
CA ARG A 454 -13.16 -12.47 -1.27
C ARG A 454 -11.63 -12.59 -1.11
N LYS A 455 -10.87 -11.61 -1.58
CA LYS A 455 -9.40 -11.67 -1.55
C LYS A 455 -8.83 -12.00 -0.14
N ASN A 456 -7.79 -12.86 -0.16
CA ASN A 456 -7.00 -13.39 0.97
C ASN A 456 -7.76 -14.35 1.90
N VAL A 457 -9.06 -14.60 1.68
CA VAL A 457 -9.80 -15.51 2.55
C VAL A 457 -9.41 -16.92 2.17
N VAL A 458 -8.95 -17.69 3.18
CA VAL A 458 -8.45 -19.04 2.96
C VAL A 458 -9.37 -20.11 3.57
N LEU A 459 -9.98 -19.83 4.73
CA LEU A 459 -10.84 -20.77 5.43
C LEU A 459 -12.16 -20.12 5.81
N SER A 460 -13.25 -20.90 5.74
CA SER A 460 -14.60 -20.48 6.09
C SER A 460 -15.53 -21.68 6.28
N ILE A 461 -16.34 -21.65 7.33
CA ILE A 461 -17.36 -22.68 7.57
C ILE A 461 -18.75 -22.05 7.45
N ASP A 462 -18.97 -20.89 8.09
CA ASP A 462 -20.24 -20.16 8.01
C ASP A 462 -19.87 -18.67 7.70
N SER A 463 -20.25 -17.64 8.50
CA SER A 463 -19.89 -16.25 8.20
C SER A 463 -18.39 -15.99 8.34
N ASP A 464 -17.69 -16.77 9.17
CA ASP A 464 -16.24 -16.61 9.37
C ASP A 464 -15.45 -16.61 8.05
N LYS A 465 -14.53 -15.68 7.92
CA LYS A 465 -13.67 -15.53 6.76
C LYS A 465 -12.26 -15.32 7.29
N THR A 466 -11.53 -16.40 7.49
CA THR A 466 -10.18 -16.31 8.04
C THR A 466 -9.22 -16.12 6.91
N ASP A 467 -8.42 -15.03 6.96
CA ASP A 467 -7.42 -14.79 5.95
C ASP A 467 -6.08 -15.44 6.26
N GLU A 468 -5.22 -15.58 5.24
CA GLU A 468 -3.90 -16.19 5.34
C GLU A 468 -3.03 -15.58 6.45
N VAL A 469 -3.10 -14.24 6.65
CA VAL A 469 -2.31 -13.57 7.68
C VAL A 469 -2.80 -13.94 9.10
N GLU A 470 -4.14 -13.94 9.37
CA GLU A 470 -4.68 -14.34 10.68
C GLU A 470 -4.25 -15.77 11.01
N LEU A 471 -4.38 -16.69 10.02
CA LEU A 471 -3.98 -18.07 10.24
C LEU A 471 -2.49 -18.20 10.55
N GLN A 472 -1.60 -17.58 9.75
CA GLN A 472 -0.15 -17.63 9.99
C GLN A 472 0.23 -17.16 11.38
N ASN A 473 -0.40 -16.07 11.83
CA ASN A 473 -0.12 -15.54 13.16
C ASN A 473 -0.72 -16.40 14.27
N ALA A 474 -1.83 -17.10 14.00
CA ALA A 474 -2.44 -17.99 14.98
C ALA A 474 -1.53 -19.23 15.15
N VAL A 475 -0.99 -19.76 14.03
CA VAL A 475 -0.06 -20.89 14.10
C VAL A 475 1.26 -20.46 14.78
N LYS A 476 1.75 -19.24 14.52
CA LYS A 476 2.96 -18.73 15.18
C LYS A 476 2.77 -18.65 16.71
N ASN A 477 1.58 -18.25 17.19
CA ASN A 477 1.32 -18.23 18.63
C ASN A 477 1.29 -19.65 19.20
N ALA A 478 0.76 -20.62 18.44
CA ALA A 478 0.63 -22.00 18.90
C ALA A 478 1.95 -22.76 18.98
N VAL A 479 2.91 -22.49 18.08
CA VAL A 479 4.19 -23.22 18.11
C VAL A 479 5.08 -22.83 19.29
N THR A 480 4.71 -21.81 20.09
CA THR A 480 5.46 -21.45 21.30
C THR A 480 5.34 -22.59 22.36
N HIS A 481 4.20 -23.32 22.35
CA HIS A 481 3.95 -24.46 23.23
C HIS A 481 4.92 -25.62 22.96
N LEU A 482 5.48 -25.71 21.74
CA LEU A 482 6.44 -26.77 21.38
C LEU A 482 7.88 -26.45 21.80
N VAL A 483 8.21 -25.16 21.99
CA VAL A 483 9.57 -24.70 22.33
C VAL A 483 10.14 -25.38 23.61
N PRO A 484 9.38 -25.51 24.73
CA PRO A 484 9.98 -26.21 25.89
C PRO A 484 10.33 -27.68 25.63
N PHE A 485 9.65 -28.32 24.67
CA PHE A 485 9.94 -29.69 24.30
C PHE A 485 11.04 -29.83 23.24
N ASP A 486 11.76 -28.74 22.92
CA ASP A 486 12.77 -28.73 21.85
C ASP A 486 12.19 -29.27 20.52
N ALA A 487 10.95 -28.87 20.24
CA ALA A 487 10.24 -29.26 19.03
C ALA A 487 9.89 -28.01 18.23
N SER A 488 9.72 -28.21 16.94
CA SER A 488 9.39 -27.11 16.03
C SER A 488 8.48 -27.63 14.94
N LEU A 489 7.73 -26.73 14.32
CA LEU A 489 6.85 -27.09 13.20
C LEU A 489 7.68 -26.94 11.91
N SER A 490 7.95 -28.05 11.21
CA SER A 490 8.72 -28.01 9.97
C SER A 490 7.87 -27.29 8.92
N GLU A 491 6.64 -27.79 8.69
CA GLU A 491 5.71 -27.23 7.71
C GLU A 491 4.27 -27.45 8.18
N TYR A 492 3.33 -26.70 7.60
CA TYR A 492 1.91 -26.85 7.86
C TYR A 492 1.06 -26.34 6.69
N THR A 493 -0.18 -26.82 6.63
CA THR A 493 -1.23 -26.34 5.72
C THR A 493 -2.58 -26.51 6.46
N SER A 494 -3.69 -26.12 5.83
CA SER A 494 -5.01 -26.21 6.44
C SER A 494 -6.11 -26.44 5.39
N TYR A 495 -7.30 -26.86 5.84
CA TYR A 495 -8.50 -26.97 4.99
C TYR A 495 -9.73 -26.87 5.87
N ALA A 496 -10.85 -26.48 5.26
CA ALA A 496 -12.11 -26.40 5.97
C ALA A 496 -12.84 -27.71 5.76
N ASP A 497 -13.00 -28.49 6.85
CA ASP A 497 -13.60 -29.81 6.82
C ASP A 497 -15.10 -29.71 6.99
N THR A 498 -15.84 -30.23 6.01
CA THR A 498 -17.30 -30.25 6.07
C THR A 498 -17.85 -31.70 6.13
N SER A 499 -17.04 -32.65 6.62
CA SER A 499 -17.47 -34.04 6.81
C SER A 499 -18.39 -34.19 8.05
N SER A 500 -18.39 -33.20 8.95
CA SER A 500 -19.24 -33.12 10.12
C SER A 500 -20.04 -31.80 10.03
N ILE A 501 -21.14 -31.71 10.79
CA ILE A 501 -21.96 -30.51 10.88
C ILE A 501 -22.02 -30.17 12.38
N PRO A 502 -21.64 -28.97 12.82
CA PRO A 502 -21.06 -27.84 12.05
C PRO A 502 -19.62 -28.17 11.61
N GLY A 503 -19.19 -27.60 10.51
CA GLY A 503 -17.84 -27.85 10.00
C GLY A 503 -16.75 -27.27 10.90
N HIS A 504 -15.50 -27.66 10.66
CA HIS A 504 -14.36 -27.16 11.45
C HIS A 504 -13.09 -26.98 10.62
N TYR A 505 -12.17 -26.15 11.11
CA TYR A 505 -10.90 -25.92 10.44
C TYR A 505 -10.01 -27.05 10.84
N VAL A 506 -9.26 -27.57 9.88
CA VAL A 506 -8.29 -28.62 10.12
C VAL A 506 -6.90 -28.09 9.75
N LEU A 507 -5.92 -28.25 10.64
CA LEU A 507 -4.53 -27.87 10.40
C LEU A 507 -3.72 -29.14 10.25
N PHE A 508 -2.82 -29.24 9.26
CA PHE A 508 -1.94 -30.39 9.09
C PHE A 508 -0.60 -29.93 9.57
N TRP A 509 -0.03 -30.62 10.56
CA TRP A 509 1.26 -30.24 11.13
C TRP A 509 2.26 -31.33 10.98
N GLU A 510 3.49 -30.98 10.53
CA GLU A 510 4.59 -31.93 10.50
C GLU A 510 5.66 -31.41 11.44
N LEU A 511 5.96 -32.14 12.49
CA LEU A 511 6.94 -31.71 13.50
C LEU A 511 8.35 -32.16 13.23
N CYS A 512 9.29 -31.42 13.81
CA CYS A 512 10.71 -31.70 13.83
C CYS A 512 11.05 -31.82 15.32
N LEU A 513 11.28 -33.06 15.80
CA LEU A 513 11.59 -33.31 17.22
C LEU A 513 13.08 -33.44 17.49
N ASN A 514 13.64 -32.49 18.24
CA ASN A 514 15.06 -32.48 18.60
C ASN A 514 15.32 -32.82 20.11
N GLY A 515 14.28 -33.11 20.88
CA GLY A 515 14.39 -33.38 22.31
C GLY A 515 14.15 -34.81 22.71
N ASN A 516 14.22 -35.05 24.05
CA ASN A 516 14.04 -36.37 24.64
C ASN A 516 12.72 -36.55 25.41
N THR A 517 11.99 -35.46 25.70
CA THR A 517 10.71 -35.59 26.41
C THR A 517 9.55 -35.63 25.40
N PRO A 518 8.83 -36.77 25.26
CA PRO A 518 7.72 -36.81 24.31
C PRO A 518 6.65 -35.77 24.63
N ILE A 519 5.98 -35.24 23.60
CA ILE A 519 4.99 -34.20 23.81
C ILE A 519 3.63 -34.84 24.17
N PRO A 520 3.04 -34.57 25.35
CA PRO A 520 1.75 -35.18 25.68
C PRO A 520 0.56 -34.63 24.88
N PRO A 521 -0.61 -35.34 24.80
CA PRO A 521 -1.73 -34.79 24.04
C PRO A 521 -2.23 -33.45 24.53
N SER A 522 -2.12 -33.18 25.85
CA SER A 522 -2.61 -31.92 26.39
C SER A 522 -1.89 -30.71 25.78
N VAL A 523 -0.61 -30.86 25.41
CA VAL A 523 0.14 -29.77 24.78
C VAL A 523 -0.43 -29.48 23.38
N PHE A 524 -0.75 -30.51 22.59
CA PHE A 524 -1.34 -30.30 21.26
C PHE A 524 -2.76 -29.78 21.33
N GLU A 525 -3.51 -30.19 22.34
CA GLU A 525 -4.84 -29.67 22.60
C GLU A 525 -4.72 -28.17 23.01
N ASP A 526 -3.63 -27.78 23.73
CA ASP A 526 -3.34 -26.38 24.07
C ASP A 526 -3.01 -25.60 22.79
N CYS A 527 -2.28 -26.21 21.84
CA CYS A 527 -1.98 -25.58 20.53
C CYS A 527 -3.29 -25.27 19.81
N CYS A 528 -4.23 -26.26 19.74
CA CYS A 528 -5.54 -26.12 19.09
C CYS A 528 -6.27 -24.89 19.63
N LEU A 529 -6.33 -24.76 20.96
CA LEU A 529 -7.01 -23.65 21.59
C LEU A 529 -6.29 -22.33 21.37
N THR A 530 -4.96 -22.33 21.42
CA THR A 530 -4.17 -21.13 21.15
C THR A 530 -4.41 -20.61 19.73
N ILE A 531 -4.58 -21.52 18.73
CA ILE A 531 -4.90 -21.09 17.35
C ILE A 531 -6.26 -20.39 17.37
N GLU A 532 -7.27 -21.06 17.94
CA GLU A 532 -8.64 -20.54 18.05
C GLU A 532 -8.69 -19.18 18.74
N GLU A 533 -7.94 -19.03 19.82
CA GLU A 533 -7.88 -17.78 20.59
C GLU A 533 -7.32 -16.61 19.76
N SER A 534 -6.43 -16.90 18.78
CA SER A 534 -5.82 -15.91 17.88
C SER A 534 -6.62 -15.64 16.58
N LEU A 535 -7.69 -16.40 16.34
CA LEU A 535 -8.52 -16.18 15.14
C LEU A 535 -9.48 -15.03 15.43
N ASN A 536 -10.08 -14.48 14.37
CA ASN A 536 -10.89 -13.27 14.49
C ASN A 536 -12.21 -13.50 15.24
N SER A 537 -12.84 -12.38 15.66
CA SER A 537 -14.05 -12.41 16.44
C SER A 537 -15.19 -13.15 15.79
N VAL A 538 -15.24 -13.21 14.44
CA VAL A 538 -16.34 -13.88 13.74
C VAL A 538 -16.18 -15.40 13.92
N TYR A 539 -14.94 -15.92 13.81
CA TYR A 539 -14.63 -17.33 14.08
C TYR A 539 -14.99 -17.69 15.53
N ARG A 540 -14.55 -16.85 16.49
CA ARG A 540 -14.75 -17.10 17.90
C ARG A 540 -16.24 -17.01 18.28
N GLN A 541 -16.99 -16.09 17.67
CA GLN A 541 -18.44 -15.98 17.85
C GLN A 541 -19.13 -17.24 17.28
N GLY A 542 -18.65 -17.73 16.14
CA GLY A 542 -19.19 -18.94 15.53
C GLY A 542 -19.06 -20.15 16.44
N ARG A 543 -17.99 -20.22 17.23
CA ARG A 543 -17.75 -21.31 18.17
C ARG A 543 -18.57 -21.14 19.45
N VAL A 544 -18.68 -19.89 19.97
CA VAL A 544 -19.31 -19.59 21.28
C VAL A 544 -20.82 -19.27 21.24
N SER A 545 -21.24 -18.37 20.34
CA SER A 545 -22.60 -17.85 20.29
C SER A 545 -23.64 -18.72 19.58
N ASP A 546 -23.46 -19.01 18.29
CA ASP A 546 -24.44 -19.77 17.49
C ASP A 546 -24.05 -21.22 17.24
N LYS A 547 -22.85 -21.66 17.68
CA LYS A 547 -22.35 -23.02 17.47
C LYS A 547 -22.36 -23.41 15.99
N SER A 548 -22.04 -22.43 15.12
CA SER A 548 -21.94 -22.68 13.70
C SER A 548 -20.57 -23.23 13.26
N ILE A 549 -19.55 -23.29 14.17
CA ILE A 549 -18.23 -23.83 13.85
C ILE A 549 -17.90 -24.81 14.98
N GLY A 550 -17.33 -25.96 14.62
CA GLY A 550 -16.92 -26.97 15.60
C GLY A 550 -15.46 -26.82 16.02
N PRO A 551 -15.02 -27.55 17.06
CA PRO A 551 -13.63 -27.43 17.52
C PRO A 551 -12.55 -27.63 16.45
N LEU A 552 -11.55 -26.73 16.45
CA LEU A 552 -10.42 -26.82 15.51
C LEU A 552 -9.64 -28.09 15.79
N GLU A 553 -9.16 -28.73 14.73
CA GLU A 553 -8.41 -29.96 14.81
C GLU A 553 -7.03 -29.81 14.21
N ILE A 554 -6.00 -30.37 14.89
CA ILE A 554 -4.65 -30.41 14.39
C ILE A 554 -4.38 -31.87 14.09
N LYS A 555 -4.09 -32.18 12.84
CA LYS A 555 -3.75 -33.52 12.40
C LYS A 555 -2.25 -33.56 12.18
N MET A 556 -1.58 -34.45 12.90
CA MET A 556 -0.14 -34.67 12.78
C MET A 556 0.09 -35.60 11.63
N VAL A 557 1.06 -35.27 10.78
CA VAL A 557 1.37 -36.08 9.61
C VAL A 557 2.74 -36.72 9.74
N GLU A 558 2.94 -37.89 9.08
CA GLU A 558 4.22 -38.62 9.08
C GLU A 558 5.34 -37.72 8.57
N SER A 559 6.58 -37.99 8.98
CA SER A 559 7.73 -37.21 8.51
C SER A 559 7.89 -37.40 6.99
N GLY A 560 8.23 -36.34 6.30
CA GLY A 560 8.36 -36.34 4.85
C GLY A 560 7.05 -36.14 4.10
N THR A 561 5.92 -35.84 4.80
CA THR A 561 4.64 -35.63 4.15
C THR A 561 4.66 -34.36 3.28
N PHE A 562 5.16 -33.24 3.80
CA PHE A 562 5.21 -32.01 3.02
C PHE A 562 6.26 -32.07 1.90
N ASP A 563 7.31 -32.90 2.05
CA ASP A 563 8.27 -33.11 0.96
C ASP A 563 7.61 -33.93 -0.17
N LYS A 564 6.67 -34.83 0.15
CA LYS A 564 5.92 -35.58 -0.84
C LYS A 564 5.03 -34.60 -1.64
N LEU A 565 4.41 -33.60 -0.98
CA LEU A 565 3.62 -32.57 -1.68
C LEU A 565 4.51 -31.73 -2.57
N MET A 566 5.74 -31.43 -2.14
CA MET A 566 6.71 -30.71 -2.94
C MET A 566 7.08 -31.57 -4.17
N ASP A 567 7.12 -32.91 -4.04
CA ASP A 567 7.43 -33.77 -5.17
C ASP A 567 6.31 -33.72 -6.23
N TYR A 568 5.05 -33.51 -5.81
CA TYR A 568 3.92 -33.34 -6.74
C TYR A 568 4.12 -32.05 -7.54
N ALA A 569 4.48 -30.94 -6.86
CA ALA A 569 4.72 -29.66 -7.50
C ALA A 569 5.95 -29.67 -8.41
N ILE A 570 7.04 -30.31 -8.01
CA ILE A 570 8.26 -30.35 -8.84
C ILE A 570 7.95 -31.06 -10.17
N SER A 571 7.21 -32.18 -10.12
CA SER A 571 6.82 -32.90 -11.33
C SER A 571 5.99 -32.04 -12.27
N LEU A 572 5.14 -31.17 -11.71
CA LEU A 572 4.31 -30.28 -12.49
C LEU A 572 4.99 -28.94 -12.86
N GLY A 573 6.33 -28.87 -12.77
CA GLY A 573 7.11 -27.72 -13.16
C GLY A 573 7.51 -26.68 -12.13
N ALA A 574 7.40 -26.98 -10.82
CA ALA A 574 7.78 -26.01 -9.79
C ALA A 574 9.26 -26.14 -9.43
N SER A 575 9.91 -25.00 -9.13
CA SER A 575 11.32 -25.01 -8.73
C SER A 575 11.44 -25.22 -7.22
N ILE A 576 12.54 -25.84 -6.80
CA ILE A 576 12.82 -26.08 -5.38
C ILE A 576 13.03 -24.74 -4.65
N ASN A 577 13.68 -23.77 -5.32
CA ASN A 577 13.95 -22.44 -4.77
C ASN A 577 12.69 -21.56 -4.67
N GLN A 578 11.68 -21.75 -5.54
CA GLN A 578 10.46 -20.94 -5.50
C GLN A 578 9.28 -21.62 -4.77
N TYR A 579 9.38 -22.91 -4.41
CA TYR A 579 8.27 -23.60 -3.77
C TYR A 579 8.13 -23.27 -2.30
N LYS A 580 6.90 -22.93 -1.89
CA LYS A 580 6.51 -22.69 -0.51
C LYS A 580 5.23 -23.49 -0.31
N THR A 581 5.13 -24.20 0.82
CA THR A 581 3.94 -24.99 1.11
C THR A 581 2.70 -24.09 1.20
N PRO A 582 1.59 -24.36 0.47
CA PRO A 582 0.44 -23.46 0.60
C PRO A 582 -0.11 -23.45 2.01
N ARG A 583 -0.53 -22.28 2.50
CA ARG A 583 -1.09 -22.15 3.84
C ARG A 583 -2.44 -22.84 3.99
N CYS A 584 -3.19 -22.97 2.85
CA CYS A 584 -4.50 -23.58 2.79
C CYS A 584 -4.64 -24.40 1.51
N VAL A 585 -5.46 -25.46 1.55
CA VAL A 585 -5.75 -26.35 0.43
C VAL A 585 -7.27 -26.58 0.34
N LYS A 586 -7.82 -26.55 -0.88
CA LYS A 586 -9.23 -26.75 -1.18
C LYS A 586 -9.46 -27.94 -2.12
N PHE A 587 -8.46 -28.28 -2.95
CA PHE A 587 -8.56 -29.36 -3.92
C PHE A 587 -8.57 -30.73 -3.21
N ALA A 588 -9.72 -31.44 -3.27
CA ALA A 588 -9.96 -32.72 -2.60
C ALA A 588 -8.84 -33.78 -2.74
N PRO A 589 -8.26 -34.06 -3.93
CA PRO A 589 -7.19 -35.07 -4.00
C PRO A 589 -5.98 -34.80 -3.11
N ILE A 590 -5.61 -33.52 -2.94
CA ILE A 590 -4.48 -33.13 -2.07
C ILE A 590 -4.89 -33.26 -0.58
N ILE A 591 -6.14 -32.93 -0.24
CA ILE A 591 -6.66 -33.11 1.12
C ILE A 591 -6.63 -34.62 1.47
N GLU A 592 -7.10 -35.46 0.54
CA GLU A 592 -7.10 -36.93 0.67
C GLU A 592 -5.67 -37.44 0.87
N LEU A 593 -4.71 -36.92 0.08
CA LEU A 593 -3.30 -37.31 0.20
C LEU A 593 -2.75 -37.00 1.60
N LEU A 594 -3.04 -35.80 2.11
CA LEU A 594 -2.60 -35.42 3.45
C LEU A 594 -3.29 -36.25 4.53
N ASN A 595 -4.62 -36.43 4.41
CA ASN A 595 -5.42 -37.25 5.34
C ASN A 595 -4.91 -38.71 5.38
N SER A 596 -4.40 -39.24 4.26
CA SER A 596 -3.85 -40.61 4.21
C SER A 596 -2.53 -40.77 5.01
N ARG A 597 -1.79 -39.68 5.20
CA ARG A 597 -0.53 -39.69 5.94
C ARG A 597 -0.66 -39.17 7.39
N VAL A 598 -1.88 -39.15 7.96
CA VAL A 598 -2.10 -38.67 9.34
C VAL A 598 -1.76 -39.76 10.36
N VAL A 599 -1.01 -39.40 11.42
CA VAL A 599 -0.58 -40.28 12.49
C VAL A 599 -1.60 -40.18 13.65
N ASP A 600 -1.86 -38.96 14.13
CA ASP A 600 -2.79 -38.70 15.24
C ASP A 600 -3.43 -37.33 15.04
N SER A 601 -4.58 -37.10 15.67
CA SER A 601 -5.25 -35.83 15.61
C SER A 601 -5.69 -35.39 17.00
N TYR A 602 -5.76 -34.08 17.19
CA TYR A 602 -6.12 -33.47 18.46
C TYR A 602 -7.14 -32.38 18.20
N PHE A 603 -8.02 -32.13 19.17
CA PHE A 603 -9.08 -31.12 19.07
C PHE A 603 -8.96 -30.11 20.19
N SER A 604 -9.56 -28.93 19.97
CA SER A 604 -9.58 -27.89 20.98
C SER A 604 -10.49 -28.38 22.13
N PRO A 605 -10.03 -28.42 23.39
CA PRO A 605 -10.88 -28.99 24.46
C PRO A 605 -12.01 -28.09 24.95
N LYS A 606 -11.94 -26.79 24.64
CA LYS A 606 -12.99 -25.85 25.01
C LYS A 606 -13.11 -24.74 23.95
N CYS A 607 -14.14 -23.88 24.08
CA CYS A 607 -14.35 -22.77 23.15
C CYS A 607 -13.32 -21.70 23.38
N PRO A 608 -12.92 -20.93 22.35
CA PRO A 608 -12.10 -19.74 22.62
C PRO A 608 -12.96 -18.69 23.36
N LYS A 609 -12.35 -17.58 23.74
CA LYS A 609 -13.02 -16.50 24.43
C LYS A 609 -13.75 -15.62 23.39
N TRP A 610 -14.94 -15.10 23.73
CA TRP A 610 -15.66 -14.17 22.86
C TRP A 610 -16.69 -13.38 23.64
N SER A 611 -16.81 -12.07 23.34
CA SER A 611 -17.83 -11.20 23.93
C SER A 611 -18.35 -10.23 22.83
N PRO A 612 -19.62 -9.78 22.87
CA PRO A 612 -20.10 -8.86 21.81
C PRO A 612 -19.38 -7.51 21.75
N GLY A 613 -19.17 -7.01 20.54
CA GLY A 613 -18.51 -5.74 20.30
C GLY A 613 -17.01 -5.84 20.17
N HIS A 614 -16.38 -4.71 19.83
CA HIS A 614 -14.92 -4.61 19.73
C HIS A 614 -14.29 -4.70 21.14
N LYS A 615 -13.12 -5.36 21.24
CA LYS A 615 -12.42 -5.52 22.51
C LYS A 615 -12.08 -4.17 23.15
N GLN A 616 -11.76 -3.16 22.31
CA GLN A 616 -11.46 -1.78 22.74
C GLN A 616 -12.60 -1.24 23.64
N TRP A 617 -13.87 -1.50 23.23
CA TRP A 617 -15.05 -1.05 23.96
C TRP A 617 -15.20 -1.88 25.25
N SER B 21 39.54 24.76 23.27
CA SER B 21 40.86 24.37 23.76
C SER B 21 41.53 23.40 22.77
N ASP B 22 42.81 23.65 22.42
CA ASP B 22 43.56 22.79 21.50
C ASP B 22 43.64 21.35 22.02
N GLU B 23 43.86 21.19 23.34
CA GLU B 23 43.94 19.87 23.96
C GLU B 23 42.59 19.18 23.95
N SER B 24 41.49 19.91 24.26
CA SER B 24 40.15 19.32 24.27
C SER B 24 39.72 18.91 22.85
N LEU B 25 40.10 19.69 21.81
CA LEU B 25 39.77 19.38 20.42
C LEU B 25 40.50 18.13 19.95
N ALA B 26 41.81 18.00 20.30
CA ALA B 26 42.61 16.83 19.93
C ALA B 26 42.05 15.58 20.63
N GLU B 27 41.66 15.71 21.90
CA GLU B 27 41.08 14.63 22.69
C GLU B 27 39.77 14.20 22.04
N LYS B 28 38.91 15.17 21.67
CA LYS B 28 37.64 14.88 21.02
C LYS B 28 37.84 14.13 19.71
N ASN B 29 38.76 14.58 18.83
CA ASN B 29 39.00 13.89 17.54
C ASN B 29 39.49 12.45 17.77
N LYS B 30 40.42 12.27 18.73
CA LYS B 30 40.95 10.93 19.05
C LYS B 30 39.82 10.00 19.51
N ASN B 31 38.90 10.49 20.33
CA ASN B 31 37.78 9.68 20.80
C ASN B 31 36.82 9.31 19.66
N LYS B 32 36.63 10.21 18.69
CA LYS B 32 35.76 9.91 17.55
C LYS B 32 36.41 8.84 16.66
N LEU B 33 37.75 8.89 16.49
CA LEU B 33 38.46 7.89 15.72
C LEU B 33 38.48 6.53 16.43
N GLN B 34 38.58 6.53 17.76
CA GLN B 34 38.53 5.28 18.53
C GLN B 34 37.13 4.68 18.40
N PHE B 35 36.08 5.52 18.40
CA PHE B 35 34.70 5.06 18.16
C PHE B 35 34.61 4.32 16.81
N ILE B 36 35.25 4.86 15.75
CA ILE B 36 35.24 4.21 14.43
C ILE B 36 35.92 2.84 14.53
N GLU B 37 37.06 2.74 15.23
CA GLU B 37 37.74 1.46 15.39
C GLU B 37 36.85 0.47 16.15
N ASP B 38 36.20 0.91 17.23
CA ASP B 38 35.35 0.05 18.04
C ASP B 38 34.18 -0.52 17.23
N VAL B 39 33.43 0.36 16.55
CA VAL B 39 32.24 -0.08 15.81
C VAL B 39 32.60 -0.86 14.54
N THR B 40 33.76 -0.61 13.91
CA THR B 40 34.14 -1.38 12.72
C THR B 40 34.70 -2.75 13.09
N THR B 41 35.27 -2.89 14.30
CA THR B 41 35.78 -4.15 14.79
C THR B 41 34.59 -4.99 15.27
N ASN B 42 33.66 -4.37 16.03
CA ASN B 42 32.47 -5.07 16.55
C ASN B 42 31.24 -4.78 15.70
N ALA B 43 31.44 -4.71 14.37
CA ALA B 43 30.37 -4.37 13.42
C ALA B 43 29.15 -5.29 13.48
N ASP B 44 29.35 -6.61 13.52
CA ASP B 44 28.22 -7.55 13.57
C ASP B 44 27.42 -7.40 14.86
N ASP B 45 28.10 -7.23 15.98
CA ASP B 45 27.44 -7.05 17.27
C ASP B 45 26.69 -5.72 17.32
N VAL B 46 27.24 -4.65 16.72
CA VAL B 46 26.55 -3.36 16.68
C VAL B 46 25.29 -3.51 15.81
N GLN B 47 25.40 -4.24 14.68
CA GLN B 47 24.27 -4.49 13.79
C GLN B 47 23.17 -5.26 14.51
N ARG B 48 23.54 -6.33 15.21
CA ARG B 48 22.63 -7.15 16.00
C ARG B 48 21.90 -6.28 17.06
N ARG B 49 22.66 -5.47 17.83
CA ARG B 49 22.14 -4.57 18.87
C ARG B 49 21.20 -3.48 18.30
N VAL B 50 21.51 -2.93 17.10
CA VAL B 50 20.67 -1.91 16.44
C VAL B 50 19.31 -2.51 16.09
N LEU B 51 19.30 -3.69 15.46
CA LEU B 51 18.07 -4.36 15.08
C LEU B 51 17.27 -4.73 16.33
N GLU B 52 17.96 -5.21 17.39
CA GLU B 52 17.30 -5.54 18.64
C GLU B 52 16.58 -4.31 19.23
N GLU B 53 17.24 -3.14 19.23
CA GLU B 53 16.64 -1.90 19.75
C GLU B 53 15.45 -1.46 18.88
N ILE B 54 15.55 -1.58 17.57
CA ILE B 54 14.48 -1.19 16.66
C ILE B 54 13.26 -2.09 16.89
N LEU B 55 13.48 -3.42 16.91
CA LEU B 55 12.39 -4.38 17.08
C LEU B 55 11.77 -4.41 18.49
N SER B 56 12.53 -4.07 19.56
CA SER B 56 11.94 -4.04 20.91
C SER B 56 11.12 -2.76 21.10
N ARG B 57 11.67 -1.62 20.70
CA ARG B 57 10.96 -0.34 20.85
C ARG B 57 9.68 -0.28 20.06
N ASN B 58 9.69 -0.83 18.84
CA ASN B 58 8.54 -0.82 17.95
C ASN B 58 7.81 -2.17 17.92
N ALA B 59 7.94 -2.99 18.98
CA ALA B 59 7.29 -4.29 19.02
C ALA B 59 5.77 -4.24 18.80
N ASP B 60 5.08 -3.28 19.42
CA ASP B 60 3.63 -3.14 19.29
C ASP B 60 3.14 -2.29 18.13
N VAL B 61 3.97 -2.05 17.10
CA VAL B 61 3.52 -1.22 15.96
C VAL B 61 2.68 -2.09 15.03
N GLU B 62 1.71 -1.48 14.37
CA GLU B 62 0.80 -2.17 13.47
C GLU B 62 1.52 -3.00 12.41
N TYR B 63 2.51 -2.42 11.72
CA TYR B 63 3.24 -3.10 10.65
C TYR B 63 3.91 -4.41 11.14
N LEU B 64 4.59 -4.38 12.31
CA LEU B 64 5.25 -5.58 12.84
C LEU B 64 4.24 -6.55 13.48
N LYS B 65 3.15 -6.06 14.08
CA LYS B 65 2.10 -6.91 14.67
C LYS B 65 1.34 -7.68 13.58
N ARG B 66 1.02 -7.05 12.45
CA ARG B 66 0.28 -7.74 11.38
C ARG B 66 1.17 -8.79 10.68
N HIS B 67 2.50 -8.67 10.72
CA HIS B 67 3.37 -9.72 10.17
C HIS B 67 3.63 -10.88 11.17
N GLY B 68 3.12 -10.79 12.39
CA GLY B 68 3.25 -11.81 13.41
C GLY B 68 4.57 -11.87 14.13
N LEU B 69 5.26 -10.70 14.33
CA LEU B 69 6.56 -10.65 14.99
C LEU B 69 6.49 -11.00 16.50
N GLU B 70 5.37 -10.71 17.18
CA GLU B 70 5.13 -11.11 18.58
C GLU B 70 6.19 -10.63 19.59
N GLY B 71 6.77 -9.46 19.35
CA GLY B 71 7.82 -8.95 20.21
C GLY B 71 9.15 -9.65 20.06
N ARG B 72 9.32 -10.51 19.02
CA ARG B 72 10.59 -11.19 18.80
C ARG B 72 11.56 -10.17 18.18
N THR B 73 12.74 -10.05 18.77
CA THR B 73 13.75 -9.10 18.35
C THR B 73 14.97 -9.75 17.67
N ASP B 74 15.02 -11.09 17.59
CA ASP B 74 16.17 -11.76 17.00
C ASP B 74 16.24 -11.62 15.49
N ARG B 75 17.48 -11.64 14.98
CA ARG B 75 17.79 -11.46 13.57
C ARG B 75 17.27 -12.60 12.68
N GLU B 76 17.43 -13.84 13.13
CA GLU B 76 17.03 -15.02 12.38
C GLU B 76 15.52 -14.99 12.07
N THR B 77 14.69 -14.63 13.06
CA THR B 77 13.24 -14.55 12.87
C THR B 77 12.86 -13.41 11.95
N PHE B 78 13.45 -12.22 12.18
CA PHE B 78 13.22 -11.00 11.40
C PHE B 78 13.39 -11.22 9.89
N LYS B 79 14.45 -11.94 9.49
CA LYS B 79 14.74 -12.21 8.08
C LYS B 79 13.76 -13.23 7.47
N HIS B 80 13.19 -14.12 8.30
CA HIS B 80 12.25 -15.16 7.87
C HIS B 80 10.82 -14.64 7.76
N ILE B 81 10.42 -13.74 8.67
CA ILE B 81 9.04 -13.25 8.78
C ILE B 81 8.80 -11.97 7.94
N MET B 82 9.68 -10.96 8.05
CA MET B 82 9.43 -9.68 7.38
C MET B 82 9.77 -9.68 5.90
N PRO B 83 8.92 -9.09 5.02
CA PRO B 83 9.27 -9.05 3.60
C PRO B 83 10.23 -7.91 3.24
N VAL B 84 10.96 -8.07 2.12
CA VAL B 84 11.84 -7.03 1.60
C VAL B 84 10.92 -6.20 0.71
N VAL B 85 10.88 -4.88 0.96
CA VAL B 85 9.92 -3.97 0.36
C VAL B 85 10.52 -2.83 -0.47
N THR B 86 9.70 -2.27 -1.36
CA THR B 86 9.98 -1.04 -2.12
C THR B 86 9.03 0.02 -1.52
N TYR B 87 9.16 1.29 -1.94
CA TYR B 87 8.31 2.37 -1.45
C TYR B 87 6.83 2.07 -1.69
N GLU B 88 6.51 1.54 -2.87
CA GLU B 88 5.15 1.24 -3.27
C GLU B 88 4.47 0.22 -2.38
N ASP B 89 5.23 -0.72 -1.79
CA ASP B 89 4.65 -1.72 -0.88
C ASP B 89 4.21 -1.12 0.44
N ILE B 90 4.90 -0.09 0.93
CA ILE B 90 4.59 0.56 2.21
C ILE B 90 3.91 1.95 2.06
N GLN B 91 3.63 2.37 0.80
CA GLN B 91 2.93 3.62 0.52
C GLN B 91 1.54 3.69 1.21
N PRO B 92 0.75 2.60 1.34
CA PRO B 92 -0.50 2.68 2.11
C PRO B 92 -0.30 3.19 3.55
N GLU B 93 0.74 2.68 4.24
CA GLU B 93 1.02 3.11 5.62
C GLU B 93 1.50 4.56 5.62
N ILE B 94 2.45 4.91 4.74
CA ILE B 94 3.00 6.26 4.66
C ILE B 94 1.89 7.30 4.41
N ASN B 95 1.02 7.03 3.43
CA ASN B 95 -0.08 7.94 3.09
C ASN B 95 -1.08 8.09 4.24
N ARG B 96 -1.35 7.02 4.97
CA ARG B 96 -2.23 7.09 6.14
C ARG B 96 -1.66 8.04 7.21
N ILE B 97 -0.34 7.97 7.44
CA ILE B 97 0.34 8.83 8.43
C ILE B 97 0.31 10.28 7.93
N ALA B 98 0.60 10.49 6.64
CA ALA B 98 0.56 11.81 6.01
C ALA B 98 -0.85 12.43 6.03
N ASN B 99 -1.91 11.59 6.03
CA ASN B 99 -3.29 12.07 6.10
C ASN B 99 -3.80 12.30 7.55
N GLY B 100 -2.97 12.07 8.57
CA GLY B 100 -3.33 12.34 9.95
C GLY B 100 -3.34 11.19 10.93
N ASP B 101 -3.14 9.93 10.48
CA ASP B 101 -3.14 8.80 11.39
C ASP B 101 -1.96 8.91 12.39
N LYS B 102 -2.28 9.27 13.65
CA LYS B 102 -1.26 9.43 14.70
C LYS B 102 -1.03 8.15 15.53
N SER B 103 -1.64 7.01 15.14
CA SER B 103 -1.43 5.74 15.85
C SER B 103 -0.04 5.16 15.49
N GLN B 104 0.38 4.12 16.21
CA GLN B 104 1.67 3.49 15.98
C GLN B 104 1.55 2.58 14.76
N VAL B 105 1.66 3.15 13.57
CA VAL B 105 1.51 2.43 12.29
C VAL B 105 2.84 1.73 11.94
N LEU B 106 3.93 2.51 11.81
CA LEU B 106 5.27 2.00 11.52
C LEU B 106 6.28 2.24 12.66
N CYS B 107 5.99 3.17 13.60
CA CYS B 107 6.91 3.50 14.68
CA CYS B 107 6.88 3.58 14.70
C CYS B 107 6.13 3.75 15.98
N SER B 108 6.76 3.44 17.12
CA SER B 108 6.15 3.70 18.42
C SER B 108 6.30 5.21 18.76
N ASN B 109 7.38 5.85 18.30
CA ASN B 109 7.60 7.28 18.52
C ASN B 109 6.79 8.05 17.48
N PRO B 110 6.24 9.25 17.78
CA PRO B 110 5.46 9.96 16.76
C PRO B 110 6.32 10.40 15.58
N ILE B 111 5.78 10.27 14.37
CA ILE B 111 6.51 10.69 13.17
C ILE B 111 6.52 12.21 13.20
N SER B 112 7.71 12.81 13.42
CA SER B 112 7.86 14.26 13.51
C SER B 112 7.62 14.96 12.16
N GLU B 113 8.01 14.32 11.05
CA GLU B 113 7.86 14.92 9.73
C GLU B 113 8.21 13.90 8.64
N PHE B 114 8.00 14.27 7.37
CA PHE B 114 8.38 13.45 6.24
C PHE B 114 9.53 14.13 5.53
N LEU B 115 10.60 13.38 5.27
CA LEU B 115 11.75 13.88 4.55
C LEU B 115 11.54 13.50 3.10
N THR B 116 11.41 14.52 2.26
CA THR B 116 11.06 14.32 0.88
C THR B 116 12.31 14.00 0.04
N SER B 117 12.42 12.74 -0.37
CA SER B 117 13.55 12.26 -1.16
C SER B 117 13.59 12.85 -2.55
N SER B 118 14.79 12.94 -3.14
CA SER B 118 14.95 13.31 -4.54
C SER B 118 14.46 12.16 -5.45
N GLY B 119 14.42 10.92 -4.95
CA GLY B 119 13.84 9.77 -5.63
C GLY B 119 12.33 9.91 -5.62
N THR B 120 11.66 9.46 -6.70
CA THR B 120 10.22 9.66 -6.86
C THR B 120 9.44 8.37 -7.13
N SER B 121 8.11 8.44 -6.90
CA SER B 121 7.15 7.37 -7.15
C SER B 121 5.94 8.05 -7.75
N GLY B 122 5.58 7.68 -8.97
CA GLY B 122 4.49 8.35 -9.68
C GLY B 122 4.81 9.80 -9.97
N GLY B 123 6.10 10.10 -10.17
CA GLY B 123 6.58 11.45 -10.43
C GLY B 123 6.62 12.39 -9.25
N GLU B 124 6.20 11.92 -8.07
CA GLU B 124 6.17 12.74 -6.85
C GLU B 124 7.27 12.29 -5.91
N ARG B 125 7.82 13.24 -5.14
CA ARG B 125 8.88 12.94 -4.15
C ARG B 125 8.43 11.85 -3.17
N LYS B 126 9.27 10.84 -2.90
CA LYS B 126 8.94 9.82 -1.92
C LYS B 126 9.00 10.47 -0.53
N LEU B 127 8.00 10.18 0.31
CA LEU B 127 7.89 10.74 1.66
C LEU B 127 8.49 9.73 2.63
N MET B 128 9.70 10.02 3.15
CA MET B 128 10.40 9.13 4.06
C MET B 128 10.08 9.50 5.51
N PRO B 129 9.50 8.59 6.32
CA PRO B 129 9.19 8.96 7.70
C PRO B 129 10.44 9.17 8.55
N THR B 130 10.36 10.07 9.52
CA THR B 130 11.44 10.34 10.45
C THR B 130 10.85 10.64 11.83
N ILE B 131 11.68 10.46 12.85
CA ILE B 131 11.35 10.75 14.23
C ILE B 131 12.44 11.70 14.76
N GLU B 132 12.11 12.56 15.72
CA GLU B 132 13.04 13.56 16.26
C GLU B 132 14.42 12.99 16.64
N GLU B 133 14.45 11.77 17.21
CA GLU B 133 15.68 11.07 17.61
C GLU B 133 16.65 10.78 16.44
N GLU B 134 16.15 10.68 15.20
CA GLU B 134 17.01 10.43 14.05
C GLU B 134 18.05 11.53 13.85
N LEU B 135 17.75 12.77 14.31
CA LEU B 135 18.69 13.89 14.21
C LEU B 135 20.00 13.60 14.95
N ASP B 136 19.92 12.91 16.09
CA ASP B 136 21.07 12.52 16.89
C ASP B 136 22.00 11.60 16.08
N ARG B 137 21.44 10.65 15.30
CA ARG B 137 22.27 9.77 14.46
C ARG B 137 22.84 10.50 13.25
N ARG B 138 22.11 11.49 12.68
CA ARG B 138 22.67 12.29 11.57
C ARG B 138 23.84 13.10 12.11
N SER B 139 23.68 13.72 13.30
CA SER B 139 24.75 14.48 13.95
C SER B 139 25.95 13.62 14.30
N LEU B 140 25.74 12.33 14.66
CA LEU B 140 26.83 11.40 14.95
C LEU B 140 27.68 11.18 13.69
N LEU B 141 27.04 10.97 12.51
CA LEU B 141 27.80 10.74 11.30
C LEU B 141 28.60 12.00 10.92
N TYR B 142 27.95 13.18 11.00
CA TYR B 142 28.63 14.44 10.70
C TYR B 142 29.81 14.68 11.65
N SER B 143 29.70 14.23 12.90
CA SER B 143 30.75 14.41 13.89
C SER B 143 32.01 13.60 13.61
N LEU B 144 31.94 12.58 12.71
CA LEU B 144 33.09 11.75 12.38
C LEU B 144 33.94 12.30 11.24
N LEU B 145 33.40 13.24 10.45
CA LEU B 145 34.08 13.68 9.25
C LEU B 145 35.37 14.47 9.51
N MET B 146 35.29 15.53 10.32
CA MET B 146 36.48 16.35 10.59
C MET B 146 37.54 15.54 11.37
N PRO B 147 37.22 14.73 12.41
CA PRO B 147 38.26 13.85 13.00
C PRO B 147 38.98 12.97 11.96
N VAL B 148 38.27 12.48 10.94
CA VAL B 148 38.88 11.67 9.87
C VAL B 148 39.76 12.58 8.99
N MET B 149 39.22 13.69 8.53
CA MET B 149 39.95 14.61 7.66
C MET B 149 41.20 15.17 8.31
N ASP B 150 41.09 15.55 9.59
CA ASP B 150 42.17 16.13 10.39
C ASP B 150 43.44 15.27 10.42
N GLN B 151 43.30 13.95 10.26
CA GLN B 151 44.46 13.07 10.22
C GLN B 151 45.32 13.40 8.98
N PHE B 152 44.66 13.65 7.84
CA PHE B 152 45.29 13.87 6.54
C PHE B 152 45.59 15.32 6.22
N VAL B 153 44.70 16.25 6.63
CA VAL B 153 44.84 17.68 6.38
C VAL B 153 44.78 18.42 7.73
N PRO B 154 45.92 18.57 8.45
CA PRO B 154 45.87 19.27 9.74
C PRO B 154 45.73 20.79 9.61
N GLY B 155 45.29 21.45 10.69
CA GLY B 155 45.15 22.90 10.76
C GLY B 155 43.85 23.48 10.23
N LEU B 156 42.82 22.65 9.98
CA LEU B 156 41.54 23.18 9.46
C LEU B 156 40.74 23.95 10.51
N ASP B 157 41.04 23.74 11.80
CA ASP B 157 40.44 24.51 12.88
C ASP B 157 40.96 25.98 12.89
N LYS B 158 42.03 26.31 12.15
CA LYS B 158 42.60 27.65 12.14
C LYS B 158 42.05 28.58 11.05
N GLY B 159 41.01 28.14 10.34
CA GLY B 159 40.39 28.95 9.30
C GLY B 159 38.94 28.59 9.14
N LYS B 160 38.38 28.98 8.00
CA LYS B 160 36.98 28.78 7.70
C LYS B 160 36.76 27.91 6.48
N GLY B 161 35.55 27.39 6.34
CA GLY B 161 35.11 26.62 5.19
C GLY B 161 34.08 27.45 4.43
N MET B 162 34.27 27.62 3.11
CA MET B 162 33.30 28.33 2.28
C MET B 162 32.41 27.29 1.65
N TYR B 163 31.29 26.99 2.31
CA TYR B 163 30.32 26.04 1.83
C TYR B 163 29.04 26.76 1.42
N PHE B 164 28.52 26.40 0.25
CA PHE B 164 27.28 26.95 -0.25
C PHE B 164 26.22 25.93 0.14
N LEU B 165 25.45 26.21 1.21
CA LEU B 165 24.42 25.31 1.72
C LEU B 165 23.05 25.93 1.51
N PHE B 166 22.07 25.10 1.09
CA PHE B 166 20.75 25.60 0.72
C PHE B 166 19.57 24.89 1.35
N ILE B 167 18.54 25.67 1.70
CA ILE B 167 17.25 25.12 2.14
C ILE B 167 16.36 25.11 0.87
N LYS B 168 15.46 24.15 0.75
CA LYS B 168 14.56 24.09 -0.41
C LYS B 168 13.09 24.22 0.02
N SER B 169 12.18 24.29 -0.96
CA SER B 169 10.74 24.43 -0.71
C SER B 169 10.20 23.42 0.32
N GLU B 170 9.30 23.93 1.17
CA GLU B 170 8.66 23.22 2.27
C GLU B 170 7.16 23.14 2.04
N SER B 171 6.52 22.07 2.52
CA SER B 171 5.07 21.88 2.40
C SER B 171 4.53 21.16 3.63
N LYS B 172 3.21 21.13 3.76
CA LYS B 172 2.53 20.47 4.87
C LYS B 172 1.65 19.37 4.28
N THR B 173 1.65 18.19 4.90
CA THR B 173 0.82 17.08 4.43
C THR B 173 -0.67 17.39 4.81
N PRO B 174 -1.68 16.68 4.25
CA PRO B 174 -3.07 16.94 4.70
C PRO B 174 -3.28 16.82 6.20
N GLY B 175 -2.58 15.89 6.85
CA GLY B 175 -2.66 15.70 8.29
C GLY B 175 -1.87 16.69 9.14
N GLY B 176 -1.24 17.69 8.50
CA GLY B 176 -0.51 18.74 9.20
C GLY B 176 0.97 18.54 9.45
N LEU B 177 1.55 17.37 9.09
CA LEU B 177 2.98 17.15 9.34
C LEU B 177 3.85 17.89 8.31
N PRO B 178 5.03 18.44 8.71
CA PRO B 178 5.90 19.03 7.68
C PRO B 178 6.47 17.99 6.72
N ALA B 179 6.64 18.38 5.46
CA ALA B 179 7.19 17.55 4.39
C ALA B 179 8.30 18.40 3.81
N ARG B 180 9.56 18.02 4.08
CA ARG B 180 10.69 18.82 3.62
C ARG B 180 11.95 17.99 3.40
N PRO B 181 12.91 18.40 2.52
CA PRO B 181 14.11 17.57 2.35
C PRO B 181 14.93 17.47 3.61
N VAL B 182 15.65 16.36 3.74
CA VAL B 182 16.48 16.02 4.90
C VAL B 182 17.47 17.14 5.27
N LEU B 183 18.13 17.76 4.27
CA LEU B 183 19.09 18.82 4.55
C LEU B 183 18.37 20.07 5.07
N THR B 184 17.20 20.42 4.49
CA THR B 184 16.42 21.57 4.99
C THR B 184 15.99 21.33 6.44
N SER B 185 15.55 20.12 6.75
CA SER B 185 15.17 19.72 8.09
C SER B 185 16.36 19.84 9.06
N TYR B 186 17.58 19.40 8.63
CA TYR B 186 18.76 19.46 9.49
C TYR B 186 19.21 20.91 9.71
N TYR B 187 19.28 21.74 8.64
CA TYR B 187 19.73 23.13 8.80
C TYR B 187 18.78 23.92 9.70
N LYS B 188 17.49 23.66 9.62
CA LYS B 188 16.50 24.33 10.46
C LYS B 188 16.44 23.79 11.89
N SER B 189 17.05 22.62 12.17
CA SER B 189 17.04 22.05 13.51
C SER B 189 18.09 22.74 14.39
N SER B 190 17.96 22.62 15.72
CA SER B 190 18.92 23.17 16.66
C SER B 190 20.31 22.50 16.52
N HIS B 191 20.38 21.27 15.98
CA HIS B 191 21.66 20.58 15.77
C HIS B 191 22.60 21.40 14.86
N PHE B 192 22.04 22.27 14.00
CA PHE B 192 22.81 23.12 13.11
C PHE B 192 22.65 24.62 13.47
N LYS B 193 21.40 25.07 13.63
CA LYS B 193 21.10 26.48 13.91
C LYS B 193 21.69 26.94 15.26
N ASN B 194 21.45 26.18 16.34
CA ASN B 194 21.98 26.48 17.68
C ASN B 194 23.19 25.57 17.99
N ARG B 195 24.02 25.27 16.99
CA ARG B 195 25.17 24.40 17.19
C ARG B 195 26.24 25.12 18.04
N PRO B 196 27.00 24.40 18.90
CA PRO B 196 28.04 25.09 19.68
C PRO B 196 29.22 25.54 18.82
N TYR B 197 30.02 26.52 19.29
CA TYR B 197 31.16 26.98 18.52
C TYR B 197 32.20 25.86 18.42
N ASP B 198 32.43 25.39 17.20
CA ASP B 198 33.44 24.38 16.89
C ASP B 198 34.31 25.06 15.81
N PRO B 199 35.62 25.29 16.00
CA PRO B 199 36.41 25.92 14.92
C PRO B 199 36.50 25.07 13.65
N TYR B 200 36.25 23.73 13.77
CA TYR B 200 36.21 22.83 12.63
C TYR B 200 34.91 22.98 11.81
N THR B 201 33.87 23.69 12.32
CA THR B 201 32.61 23.94 11.60
C THR B 201 32.32 25.45 11.57
N ASN B 202 33.37 26.24 11.35
CA ASN B 202 33.30 27.70 11.28
C ASN B 202 33.20 28.03 9.78
N TYR B 203 31.99 28.32 9.30
CA TYR B 203 31.76 28.58 7.89
C TYR B 203 31.61 30.06 7.60
N THR B 204 31.92 30.45 6.35
CA THR B 204 31.80 31.85 5.90
C THR B 204 30.33 32.28 5.80
N SER B 205 29.41 31.35 5.55
CA SER B 205 28.00 31.64 5.42
C SER B 205 27.31 31.74 6.76
N PRO B 206 26.79 32.93 7.17
CA PRO B 206 25.96 32.95 8.39
C PRO B 206 24.73 32.05 8.25
N ASN B 207 24.23 31.49 9.36
CA ASN B 207 23.03 30.63 9.33
C ASN B 207 21.83 31.27 8.62
N GLN B 208 21.68 32.59 8.76
N GLN B 208 21.63 32.59 8.77
CA GLN B 208 20.59 33.36 8.16
CA GLN B 208 20.49 33.26 8.13
C GLN B 208 20.65 33.39 6.62
C GLN B 208 20.63 33.37 6.59
N THR B 209 21.85 33.32 6.03
CA THR B 209 22.00 33.29 4.56
C THR B 209 21.59 31.91 4.02
N ILE B 210 21.87 30.83 4.79
CA ILE B 210 21.53 29.46 4.44
C ILE B 210 20.02 29.26 4.64
N LEU B 211 19.47 29.76 5.77
CA LEU B 211 18.05 29.58 6.10
C LEU B 211 17.11 30.55 5.38
N CYS B 212 17.57 31.20 4.29
CA CYS B 212 16.75 32.12 3.50
C CYS B 212 15.99 31.32 2.45
N SER B 213 14.65 31.50 2.39
CA SER B 213 13.80 30.78 1.42
C SER B 213 14.03 31.21 -0.04
N ASP B 214 14.40 32.48 -0.27
CA ASP B 214 14.66 32.96 -1.63
C ASP B 214 16.05 32.44 -2.06
N SER B 215 16.08 31.53 -3.04
CA SER B 215 17.33 30.94 -3.50
C SER B 215 18.32 31.97 -4.05
N TYR B 216 17.85 32.97 -4.81
CA TYR B 216 18.72 34.00 -5.34
C TYR B 216 19.46 34.76 -4.25
N GLN B 217 18.71 35.26 -3.25
CA GLN B 217 19.26 36.02 -2.13
C GLN B 217 20.21 35.18 -1.28
N SER B 218 19.92 33.88 -1.15
CA SER B 218 20.76 32.96 -0.40
C SER B 218 22.10 32.80 -1.12
N MET B 219 22.07 32.55 -2.44
CA MET B 219 23.31 32.37 -3.20
C MET B 219 24.11 33.68 -3.23
N TYR B 220 23.44 34.81 -3.43
CA TYR B 220 24.12 36.08 -3.52
C TYR B 220 24.82 36.44 -2.21
N SER B 221 24.11 36.30 -1.08
CA SER B 221 24.69 36.63 0.22
C SER B 221 25.82 35.70 0.61
N GLN B 222 25.71 34.40 0.29
CA GLN B 222 26.76 33.43 0.63
C GLN B 222 27.99 33.67 -0.24
N MET B 223 27.82 34.01 -1.52
CA MET B 223 28.96 34.29 -2.39
C MET B 223 29.65 35.56 -1.92
N LEU B 224 28.88 36.60 -1.54
CA LEU B 224 29.46 37.83 -1.04
C LEU B 224 30.22 37.57 0.27
N CYS B 225 29.61 36.86 1.23
CA CYS B 225 30.28 36.56 2.49
C CYS B 225 31.56 35.74 2.27
N GLY B 226 31.52 34.81 1.31
CA GLY B 226 32.67 34.01 0.92
C GLY B 226 33.82 34.83 0.38
N LEU B 227 33.51 35.86 -0.43
CA LEU B 227 34.53 36.76 -1.00
C LEU B 227 35.09 37.72 0.06
N CYS B 228 34.21 38.24 0.94
CA CYS B 228 34.64 39.16 2.03
C CYS B 228 35.69 38.50 2.98
N GLN B 229 35.57 37.20 3.23
CA GLN B 229 36.45 36.46 4.15
C GLN B 229 37.38 35.51 3.38
N HIS B 230 37.77 35.86 2.14
CA HIS B 230 38.52 34.97 1.26
C HIS B 230 39.89 34.48 1.77
N LYS B 231 40.62 35.29 2.52
CA LYS B 231 41.93 34.88 3.05
C LYS B 231 41.80 33.82 4.16
N GLU B 232 40.67 33.80 4.89
CA GLU B 232 40.45 32.82 5.97
C GLU B 232 40.01 31.43 5.46
N VAL B 233 39.63 31.32 4.18
CA VAL B 233 39.10 30.10 3.59
C VAL B 233 40.19 29.02 3.35
N LEU B 234 40.07 27.87 4.01
CA LEU B 234 40.99 26.72 3.85
C LEU B 234 40.40 25.54 3.08
N ARG B 235 39.11 25.60 2.76
CA ARG B 235 38.40 24.55 2.03
C ARG B 235 37.10 25.16 1.49
N VAL B 236 36.67 24.68 0.35
CA VAL B 236 35.47 25.16 -0.35
C VAL B 236 34.62 23.98 -0.71
N GLY B 237 33.32 24.23 -0.89
CA GLY B 237 32.42 23.16 -1.28
C GLY B 237 30.94 23.41 -1.18
N ALA B 238 30.22 22.30 -1.26
CA ALA B 238 28.75 22.18 -1.21
C ALA B 238 28.44 20.69 -0.98
N VAL B 239 27.19 20.30 -0.68
CA VAL B 239 26.87 18.89 -0.48
C VAL B 239 27.20 18.09 -1.74
N PHE B 240 26.76 18.55 -2.90
CA PHE B 240 27.05 17.92 -4.16
C PHE B 240 27.81 18.86 -5.09
N ALA B 241 28.56 18.29 -6.06
CA ALA B 241 29.29 19.06 -7.07
C ALA B 241 28.42 20.14 -7.74
N SER B 242 27.17 19.81 -8.06
CA SER B 242 26.22 20.72 -8.71
C SER B 242 25.96 22.02 -7.93
N GLY B 243 25.94 21.97 -6.61
CA GLY B 243 25.72 23.15 -5.78
C GLY B 243 26.86 24.14 -5.87
N PHE B 244 28.09 23.61 -5.86
CA PHE B 244 29.30 24.42 -5.96
C PHE B 244 29.49 24.91 -7.38
N ILE B 245 29.19 24.10 -8.39
CA ILE B 245 29.28 24.56 -9.80
C ILE B 245 28.26 25.69 -10.01
N ARG B 246 27.05 25.58 -9.41
CA ARG B 246 26.04 26.64 -9.45
C ARG B 246 26.61 27.93 -8.84
N ALA B 247 27.33 27.80 -7.74
CA ALA B 247 27.92 28.95 -7.06
C ALA B 247 28.94 29.68 -7.93
N ILE B 248 29.86 28.93 -8.59
CA ILE B 248 30.88 29.47 -9.49
C ILE B 248 30.25 30.13 -10.72
N LYS B 249 29.16 29.53 -11.24
CA LYS B 249 28.37 30.07 -12.36
C LYS B 249 27.73 31.38 -11.93
N PHE B 250 27.21 31.44 -10.70
CA PHE B 250 26.60 32.63 -10.13
C PHE B 250 27.62 33.79 -10.07
N LEU B 251 28.86 33.49 -9.70
CA LEU B 251 29.93 34.49 -9.68
C LEU B 251 30.23 34.97 -11.10
N GLU B 252 30.19 34.07 -12.08
CA GLU B 252 30.41 34.42 -13.48
C GLU B 252 29.40 35.46 -13.96
N LYS B 253 28.15 35.35 -13.48
CA LYS B 253 27.10 36.29 -13.85
C LYS B 253 27.02 37.54 -12.98
N HIS B 254 27.37 37.44 -11.68
CA HIS B 254 27.15 38.54 -10.74
C HIS B 254 28.39 39.15 -10.11
N TRP B 255 29.61 38.77 -10.55
CA TRP B 255 30.82 39.37 -9.96
C TRP B 255 30.83 40.93 -10.08
N PRO B 256 30.34 41.59 -11.17
CA PRO B 256 30.35 43.06 -11.18
C PRO B 256 29.55 43.68 -10.04
N GLU B 257 28.33 43.17 -9.76
CA GLU B 257 27.53 43.70 -8.67
C GLU B 257 28.14 43.33 -7.32
N LEU B 258 28.67 42.09 -7.15
CA LEU B 258 29.29 41.66 -5.88
C LEU B 258 30.52 42.50 -5.54
N ALA B 259 31.37 42.81 -6.54
CA ALA B 259 32.57 43.64 -6.36
C ALA B 259 32.19 45.09 -6.03
N ARG B 260 31.12 45.59 -6.66
CA ARG B 260 30.64 46.96 -6.39
C ARG B 260 30.12 47.01 -4.94
N ASP B 261 29.45 45.94 -4.46
CA ASP B 261 29.02 45.82 -3.07
C ASP B 261 30.22 45.75 -2.10
N ILE B 262 31.32 45.08 -2.48
CA ILE B 262 32.53 44.98 -1.64
C ILE B 262 33.19 46.39 -1.50
N ARG B 263 33.39 47.08 -2.64
CA ARG B 263 33.99 48.42 -2.69
C ARG B 263 33.21 49.45 -1.90
N THR B 264 31.88 49.45 -2.03
CA THR B 264 31.02 50.42 -1.36
C THR B 264 30.68 50.04 0.08
N GLY B 265 30.69 48.75 0.38
CA GLY B 265 30.30 48.26 1.70
C GLY B 265 28.80 48.24 1.91
N THR B 266 28.00 48.40 0.82
CA THR B 266 26.54 48.40 0.83
C THR B 266 26.07 47.16 0.09
N LEU B 267 25.09 46.45 0.65
CA LEU B 267 24.56 45.25 0.02
C LEU B 267 23.49 45.64 -1.00
N SER B 268 23.46 44.92 -2.13
CA SER B 268 22.49 45.08 -3.22
C SER B 268 21.06 45.29 -2.71
N SER B 269 20.33 46.23 -3.33
CA SER B 269 18.94 46.47 -2.98
C SER B 269 18.04 45.25 -3.34
N GLU B 270 18.52 44.30 -4.17
CA GLU B 270 17.76 43.09 -4.50
C GLU B 270 17.67 42.13 -3.28
N ILE B 271 18.52 42.30 -2.25
CA ILE B 271 18.47 41.47 -1.06
C ILE B 271 17.52 42.17 -0.10
N THR B 272 16.24 41.85 -0.22
CA THR B 272 15.16 42.46 0.55
C THR B 272 14.93 41.79 1.91
N ASP B 273 15.40 40.55 2.11
CA ASP B 273 15.21 39.85 3.37
C ASP B 273 16.01 40.54 4.47
N SER B 274 15.31 41.03 5.49
CA SER B 274 15.96 41.77 6.58
C SER B 274 16.89 40.91 7.44
N SER B 275 16.59 39.60 7.64
CA SER B 275 17.46 38.71 8.41
C SER B 275 18.80 38.52 7.69
N VAL B 276 18.77 38.42 6.35
CA VAL B 276 19.98 38.27 5.54
C VAL B 276 20.76 39.59 5.57
N ARG B 277 20.07 40.73 5.44
CA ARG B 277 20.71 42.04 5.48
C ARG B 277 21.48 42.26 6.78
N GLU B 278 20.90 41.90 7.94
CA GLU B 278 21.56 42.05 9.23
C GLU B 278 22.78 41.13 9.33
N ALA B 279 22.64 39.85 8.91
CA ALA B 279 23.74 38.88 8.95
C ALA B 279 24.91 39.30 8.06
N VAL B 280 24.63 39.76 6.82
CA VAL B 280 25.66 40.23 5.88
C VAL B 280 26.30 41.54 6.41
N GLY B 281 25.51 42.39 7.06
CA GLY B 281 26.01 43.63 7.64
C GLY B 281 27.12 43.45 8.65
N GLU B 282 27.11 42.34 9.41
CA GLU B 282 28.16 42.07 10.39
C GLU B 282 29.48 41.53 9.75
N ILE B 283 29.50 41.29 8.41
CA ILE B 283 30.65 40.80 7.64
C ILE B 283 31.11 41.85 6.58
N LEU B 284 30.16 42.33 5.75
CA LEU B 284 30.43 43.27 4.66
C LEU B 284 30.97 44.62 5.14
N LYS B 285 32.09 45.05 4.57
CA LYS B 285 32.74 46.32 4.91
C LYS B 285 33.25 46.96 3.62
N PRO B 286 33.39 48.30 3.52
CA PRO B 286 33.96 48.85 2.28
C PRO B 286 35.43 48.45 2.16
N ASP B 287 35.79 47.82 1.05
CA ASP B 287 37.13 47.31 0.81
C ASP B 287 37.49 47.48 -0.68
N PRO B 288 37.86 48.70 -1.13
CA PRO B 288 38.19 48.88 -2.55
C PRO B 288 39.29 47.98 -3.09
N LYS B 289 40.31 47.65 -2.28
CA LYS B 289 41.42 46.81 -2.72
C LYS B 289 40.94 45.38 -2.98
N LEU B 290 40.05 44.84 -2.11
CA LEU B 290 39.51 43.50 -2.32
C LEU B 290 38.61 43.51 -3.57
N ALA B 291 37.83 44.59 -3.75
CA ALA B 291 36.99 44.75 -4.94
C ALA B 291 37.85 44.77 -6.21
N ASP B 292 38.98 45.52 -6.20
CA ASP B 292 39.92 45.58 -7.32
C ASP B 292 40.46 44.19 -7.65
N PHE B 293 40.80 43.41 -6.61
CA PHE B 293 41.35 42.07 -6.76
C PHE B 293 40.33 41.10 -7.35
N VAL B 294 39.08 41.13 -6.84
CA VAL B 294 38.02 40.25 -7.35
C VAL B 294 37.75 40.59 -8.83
N GLU B 295 37.71 41.89 -9.16
CA GLU B 295 37.50 42.31 -10.55
C GLU B 295 38.69 41.91 -11.45
N SER B 296 39.94 42.10 -10.98
CA SER B 296 41.12 41.72 -11.78
C SER B 296 41.12 40.25 -12.12
N GLU B 297 40.65 39.40 -11.19
CA GLU B 297 40.59 37.97 -11.43
C GLU B 297 39.40 37.58 -12.31
N CYS B 298 38.20 38.04 -11.96
CA CYS B 298 36.98 37.67 -12.68
C CYS B 298 36.91 38.19 -14.12
N ARG B 299 37.59 39.29 -14.44
CA ARG B 299 37.61 39.82 -15.80
C ARG B 299 38.52 39.03 -16.77
N LYS B 300 39.44 38.17 -16.25
CA LYS B 300 40.29 37.34 -17.10
C LYS B 300 39.47 36.43 -18.00
N THR B 301 39.95 36.17 -19.21
CA THR B 301 39.24 35.34 -20.17
C THR B 301 39.14 33.91 -19.67
N SER B 302 40.26 33.36 -19.18
CA SER B 302 40.32 32.01 -18.63
C SER B 302 40.02 32.06 -17.13
N TRP B 303 39.09 31.20 -16.66
CA TRP B 303 38.81 31.05 -15.24
C TRP B 303 39.46 29.79 -14.65
N GLN B 304 40.44 29.20 -15.37
CA GLN B 304 41.16 28.03 -14.91
C GLN B 304 41.96 28.40 -13.67
N GLY B 305 41.58 27.84 -12.53
CA GLY B 305 42.25 28.10 -11.27
C GLY B 305 41.80 29.33 -10.51
N ILE B 306 40.66 29.92 -10.89
CA ILE B 306 40.17 31.10 -10.20
C ILE B 306 39.91 30.81 -8.70
N ILE B 307 39.56 29.56 -8.32
CA ILE B 307 39.33 29.24 -6.91
C ILE B 307 40.63 29.48 -6.10
N THR B 308 41.76 28.92 -6.55
CA THR B 308 43.03 29.07 -5.85
C THR B 308 43.56 30.52 -5.90
N ARG B 309 43.03 31.41 -6.77
CA ARG B 309 43.48 32.79 -6.80
C ARG B 309 42.59 33.64 -5.86
N LEU B 310 41.28 33.43 -5.91
CA LEU B 310 40.35 34.17 -5.04
C LEU B 310 40.40 33.69 -3.58
N TRP B 311 40.55 32.37 -3.39
CA TRP B 311 40.67 31.71 -2.10
C TRP B 311 42.03 31.01 -2.09
N PRO B 312 43.13 31.79 -1.93
CA PRO B 312 44.46 31.20 -2.08
C PRO B 312 44.90 30.15 -1.06
N ASN B 313 44.23 30.07 0.10
CA ASN B 313 44.60 29.09 1.13
C ASN B 313 43.73 27.80 1.08
N THR B 314 42.96 27.61 -0.01
CA THR B 314 42.13 26.43 -0.16
C THR B 314 43.01 25.18 -0.33
N LYS B 315 42.73 24.16 0.47
CA LYS B 315 43.44 22.88 0.48
C LYS B 315 42.72 21.83 -0.38
N TYR B 316 41.38 21.90 -0.46
CA TYR B 316 40.61 20.94 -1.23
C TYR B 316 39.21 21.44 -1.53
N VAL B 317 38.57 20.81 -2.51
CA VAL B 317 37.19 21.08 -2.87
C VAL B 317 36.39 19.87 -2.31
N ASP B 318 35.51 20.16 -1.35
CA ASP B 318 34.69 19.20 -0.66
C ASP B 318 33.28 19.15 -1.27
N VAL B 319 33.08 18.24 -2.22
CA VAL B 319 31.79 18.04 -2.90
C VAL B 319 31.66 16.56 -3.23
N ILE B 320 30.43 16.03 -3.25
CA ILE B 320 30.23 14.65 -3.67
C ILE B 320 30.43 14.63 -5.18
N VAL B 321 31.38 13.79 -5.64
CA VAL B 321 31.63 13.57 -7.06
C VAL B 321 31.59 12.06 -7.40
N THR B 322 30.88 11.28 -6.58
CA THR B 322 30.61 9.87 -6.82
C THR B 322 29.18 9.83 -7.34
N GLY B 323 28.86 8.80 -8.09
CA GLY B 323 27.54 8.68 -8.70
C GLY B 323 27.38 9.63 -9.87
N THR B 324 26.18 10.19 -10.05
CA THR B 324 25.92 11.13 -11.17
C THR B 324 26.81 12.37 -11.14
N MET B 325 27.14 12.85 -9.93
CA MET B 325 27.97 14.04 -9.78
C MET B 325 29.34 13.93 -10.38
N SER B 326 29.80 12.71 -10.77
CA SER B 326 31.10 12.53 -11.40
C SER B 326 31.22 13.26 -12.75
N GLN B 327 30.09 13.55 -13.41
CA GLN B 327 30.08 14.31 -14.65
C GLN B 327 30.72 15.70 -14.51
N TYR B 328 30.74 16.26 -13.28
CA TYR B 328 31.29 17.59 -13.00
C TYR B 328 32.79 17.57 -12.64
N ILE B 329 33.48 16.38 -12.59
CA ILE B 329 34.90 16.35 -12.20
C ILE B 329 35.76 17.26 -13.14
N PRO B 330 35.65 17.15 -14.49
CA PRO B 330 36.45 18.05 -15.35
C PRO B 330 36.22 19.54 -15.11
N THR B 331 34.99 19.96 -14.84
CA THR B 331 34.69 21.38 -14.62
C THR B 331 35.30 21.84 -13.30
N LEU B 332 35.14 21.05 -12.24
CA LEU B 332 35.73 21.40 -10.94
C LEU B 332 37.27 21.45 -11.04
N ASP B 333 37.89 20.48 -11.74
CA ASP B 333 39.34 20.49 -11.93
C ASP B 333 39.81 21.72 -12.71
N TYR B 334 39.00 22.22 -13.64
CA TYR B 334 39.31 23.42 -14.38
C TYR B 334 39.33 24.65 -13.44
N TYR B 335 38.24 24.88 -12.69
CA TYR B 335 38.15 26.04 -11.79
C TYR B 335 39.08 25.96 -10.58
N SER B 336 39.48 24.75 -10.17
CA SER B 336 40.37 24.58 -9.02
C SER B 336 41.84 24.34 -9.39
N ASN B 337 42.16 24.17 -10.69
CA ASN B 337 43.50 23.89 -11.17
C ASN B 337 44.04 22.59 -10.55
N GLY B 338 43.19 21.57 -10.47
CA GLY B 338 43.59 20.27 -9.93
C GLY B 338 43.72 20.14 -8.41
N LEU B 339 42.94 20.91 -7.61
CA LEU B 339 42.97 20.71 -6.14
C LEU B 339 42.31 19.34 -5.84
N PRO B 340 42.61 18.68 -4.70
CA PRO B 340 41.92 17.42 -4.40
C PRO B 340 40.42 17.59 -4.27
N LEU B 341 39.66 16.62 -4.82
CA LEU B 341 38.20 16.57 -4.70
C LEU B 341 37.90 15.56 -3.63
N VAL B 342 37.17 15.96 -2.59
CA VAL B 342 36.88 15.15 -1.41
C VAL B 342 35.39 14.78 -1.31
N CYS B 343 35.11 13.47 -1.23
CA CYS B 343 33.78 12.90 -1.06
C CYS B 343 33.74 12.39 0.37
N THR B 344 33.08 13.09 1.30
CA THR B 344 33.14 12.75 2.71
C THR B 344 32.13 11.71 3.20
N MET B 345 30.87 11.74 2.72
CA MET B 345 29.86 10.80 3.20
C MET B 345 28.80 10.42 2.17
N TYR B 346 28.10 9.33 2.48
CA TYR B 346 27.07 8.71 1.67
C TYR B 346 25.84 8.63 2.59
N ALA B 347 24.74 9.24 2.19
CA ALA B 347 23.55 9.35 3.01
C ALA B 347 22.30 9.57 2.14
N SER B 348 21.11 9.35 2.74
CA SER B 348 19.82 9.51 2.09
C SER B 348 18.78 10.10 3.07
N SER B 349 17.58 10.42 2.54
CA SER B 349 16.44 10.90 3.32
C SER B 349 15.98 9.83 4.29
N GLU B 350 15.96 8.57 3.87
CA GLU B 350 15.54 7.47 4.73
C GLU B 350 16.56 7.11 5.77
N CYS B 351 17.86 7.33 5.49
CA CYS B 351 18.90 6.85 6.39
C CYS B 351 20.27 7.38 5.99
N TYR B 352 21.07 7.80 6.98
CA TYR B 352 22.46 8.21 6.77
C TYR B 352 23.28 6.91 6.81
N PHE B 353 24.20 6.69 5.85
CA PHE B 353 24.87 5.39 5.72
C PHE B 353 26.35 5.30 6.19
N GLY B 354 27.25 6.05 5.55
CA GLY B 354 28.66 5.91 5.83
C GLY B 354 29.54 7.09 5.51
N VAL B 355 30.81 6.89 5.83
CA VAL B 355 31.85 7.88 5.74
C VAL B 355 33.04 7.35 4.93
N ASN B 356 33.70 8.24 4.18
CA ASN B 356 34.90 7.88 3.43
C ASN B 356 36.09 8.01 4.38
N LEU B 357 36.77 6.89 4.65
CA LEU B 357 37.94 6.90 5.54
C LEU B 357 39.27 7.19 4.85
N ARG B 358 39.23 7.47 3.54
CA ARG B 358 40.37 7.88 2.75
C ARG B 358 39.93 9.12 1.97
N PRO B 359 39.62 10.24 2.64
CA PRO B 359 39.12 11.42 1.92
C PRO B 359 40.04 12.00 0.84
N LEU B 360 41.37 11.82 0.96
CA LEU B 360 42.32 12.31 -0.04
C LEU B 360 42.58 11.31 -1.18
N CYS B 361 41.79 10.23 -1.30
CA CYS B 361 41.92 9.30 -2.40
C CYS B 361 41.42 9.96 -3.74
N LYS B 362 41.65 9.32 -4.88
CA LYS B 362 41.17 9.85 -6.16
C LYS B 362 39.66 9.60 -6.29
N PRO B 363 38.88 10.45 -7.00
CA PRO B 363 37.43 10.19 -7.09
C PRO B 363 36.99 8.79 -7.53
N SER B 364 37.75 8.14 -8.44
CA SER B 364 37.41 6.79 -8.91
C SER B 364 37.70 5.69 -7.88
N GLU B 365 38.53 5.99 -6.85
CA GLU B 365 38.91 5.05 -5.80
C GLU B 365 38.06 5.21 -4.51
N VAL B 366 37.02 6.06 -4.51
CA VAL B 366 36.25 6.31 -3.30
C VAL B 366 35.42 5.11 -2.89
N SER B 367 35.54 4.74 -1.61
CA SER B 367 34.73 3.71 -0.99
C SER B 367 34.21 4.29 0.35
N TYR B 368 32.97 3.95 0.69
CA TYR B 368 32.30 4.43 1.90
C TYR B 368 32.15 3.28 2.87
N THR B 369 32.58 3.49 4.10
CA THR B 369 32.49 2.52 5.19
C THR B 369 31.18 2.82 5.90
N LEU B 370 30.23 1.88 5.86
CA LEU B 370 28.95 2.09 6.50
C LEU B 370 29.14 1.97 8.00
N ILE B 371 28.55 2.91 8.75
CA ILE B 371 28.66 2.94 10.20
C ILE B 371 27.53 2.08 10.74
N PRO B 372 27.84 0.96 11.43
CA PRO B 372 26.76 0.05 11.84
C PRO B 372 25.77 0.56 12.91
N ASN B 373 26.00 1.74 13.51
CA ASN B 373 25.06 2.32 14.49
C ASN B 373 23.88 3.04 13.82
N MET B 374 23.95 3.34 12.53
CA MET B 374 22.94 4.12 11.83
C MET B 374 21.65 3.37 11.61
N ALA B 375 21.77 2.10 11.20
CA ALA B 375 20.61 1.28 10.86
C ALA B 375 21.04 -0.18 10.68
N TYR B 376 20.09 -1.12 10.64
CA TYR B 376 20.41 -2.51 10.39
C TYR B 376 20.44 -2.70 8.85
N PHE B 377 21.64 -2.89 8.31
CA PHE B 377 21.85 -3.02 6.86
C PHE B 377 21.88 -4.46 6.38
N GLU B 378 21.26 -4.71 5.22
CA GLU B 378 21.20 -6.00 4.53
C GLU B 378 21.54 -5.76 3.04
N PHE B 379 21.99 -6.83 2.37
CA PHE B 379 22.50 -6.75 1.00
C PHE B 379 21.93 -7.84 0.08
N LEU B 380 21.27 -7.41 -1.01
CA LEU B 380 20.70 -8.28 -2.01
C LEU B 380 21.72 -8.45 -3.15
N PRO B 381 22.26 -9.65 -3.44
CA PRO B 381 23.24 -9.74 -4.53
C PRO B 381 22.62 -9.42 -5.88
N VAL B 382 23.39 -8.73 -6.76
CA VAL B 382 22.94 -8.37 -8.11
C VAL B 382 23.90 -8.96 -9.15
N HIS B 383 23.37 -9.32 -10.33
CA HIS B 383 24.13 -9.98 -11.39
C HIS B 383 23.73 -9.41 -12.76
N ALA B 397 10.67 -7.69 -7.93
CA ALA B 397 9.98 -8.90 -7.46
C ALA B 397 10.98 -9.96 -7.01
N LEU B 398 11.17 -10.08 -5.70
CA LEU B 398 12.12 -11.06 -5.15
C LEU B 398 11.38 -12.32 -4.71
N THR B 399 12.07 -13.46 -4.74
CA THR B 399 11.46 -14.70 -4.27
C THR B 399 11.56 -14.74 -2.74
N GLU B 400 10.73 -15.55 -2.10
CA GLU B 400 10.76 -15.69 -0.65
C GLU B 400 12.11 -16.30 -0.19
N LYS B 401 12.81 -17.09 -1.03
CA LYS B 401 14.13 -17.63 -0.67
C LYS B 401 15.17 -16.52 -0.75
N GLU B 402 15.11 -15.66 -1.79
CA GLU B 402 16.03 -14.52 -1.95
C GLU B 402 15.89 -13.53 -0.79
N GLN B 403 14.66 -13.31 -0.31
CA GLN B 403 14.40 -12.38 0.78
C GLN B 403 15.03 -12.93 2.05
N GLN B 404 14.81 -14.22 2.32
CA GLN B 404 15.35 -14.88 3.51
C GLN B 404 16.88 -14.92 3.53
N GLU B 405 17.53 -15.22 2.40
CA GLU B 405 18.97 -15.35 2.36
C GLU B 405 19.70 -14.04 1.98
N LEU B 406 19.14 -12.85 2.35
CA LEU B 406 19.85 -11.58 2.12
C LEU B 406 21.15 -11.61 2.97
N VAL B 407 22.22 -11.01 2.44
CA VAL B 407 23.54 -11.04 3.05
C VAL B 407 23.71 -9.93 4.11
N ASP B 408 24.24 -10.27 5.29
CA ASP B 408 24.47 -9.28 6.35
C ASP B 408 25.71 -8.41 6.08
N LEU B 409 25.79 -7.24 6.73
CA LEU B 409 26.88 -6.28 6.56
C LEU B 409 28.28 -6.92 6.58
N VAL B 410 28.60 -7.72 7.62
CA VAL B 410 29.93 -8.35 7.75
C VAL B 410 30.15 -9.53 6.79
N ASP B 411 29.09 -10.09 6.17
CA ASP B 411 29.19 -11.26 5.31
C ASP B 411 29.29 -10.94 3.81
N VAL B 412 29.30 -9.66 3.42
CA VAL B 412 29.44 -9.31 1.99
C VAL B 412 30.84 -9.70 1.49
N LYS B 413 30.94 -10.07 0.20
CA LYS B 413 32.18 -10.57 -0.37
C LYS B 413 32.86 -9.57 -1.31
N LEU B 414 34.21 -9.52 -1.24
CA LEU B 414 35.04 -8.60 -2.03
C LEU B 414 34.75 -8.70 -3.53
N GLY B 415 34.56 -7.55 -4.17
CA GLY B 415 34.30 -7.48 -5.60
C GLY B 415 32.88 -7.72 -6.04
N GLN B 416 32.02 -8.23 -5.14
CA GLN B 416 30.63 -8.49 -5.49
C GLN B 416 29.78 -7.23 -5.37
N GLU B 417 28.75 -7.11 -6.23
CA GLU B 417 27.82 -5.99 -6.26
C GLU B 417 26.51 -6.36 -5.55
N TYR B 418 25.94 -5.39 -4.84
CA TYR B 418 24.74 -5.59 -4.03
C TYR B 418 23.83 -4.38 -4.06
N GLU B 419 22.54 -4.62 -3.80
CA GLU B 419 21.56 -3.56 -3.65
C GLU B 419 21.40 -3.36 -2.14
N LEU B 420 21.48 -2.10 -1.68
CA LEU B 420 21.40 -1.79 -0.25
C LEU B 420 19.95 -1.87 0.25
N VAL B 421 19.73 -2.63 1.35
CA VAL B 421 18.44 -2.85 2.00
C VAL B 421 18.61 -2.36 3.44
N VAL B 422 17.68 -1.53 3.93
CA VAL B 422 17.84 -0.89 5.24
C VAL B 422 16.60 -1.06 6.16
N THR B 423 16.87 -1.20 7.47
CA THR B 423 15.85 -1.27 8.53
C THR B 423 16.26 -0.15 9.49
N THR B 424 15.40 0.87 9.60
CA THR B 424 15.68 2.09 10.34
C THR B 424 14.87 2.24 11.63
N TYR B 425 15.28 3.20 12.48
CA TYR B 425 14.57 3.56 13.71
C TYR B 425 13.25 4.32 13.40
N ALA B 426 13.11 4.88 12.17
CA ALA B 426 11.93 5.64 11.77
C ALA B 426 10.86 4.87 11.00
N GLY B 427 10.73 3.58 11.25
CA GLY B 427 9.65 2.78 10.67
C GLY B 427 9.84 2.12 9.32
N LEU B 428 11.08 2.01 8.82
CA LEU B 428 11.32 1.27 7.57
C LEU B 428 11.88 -0.06 7.93
N TYR B 429 11.31 -1.13 7.39
CA TYR B 429 11.75 -2.49 7.70
C TYR B 429 12.07 -3.19 6.40
N ARG B 430 13.33 -3.59 6.21
CA ARG B 430 13.83 -4.27 5.00
C ARG B 430 13.43 -3.50 3.74
N TYR B 431 13.75 -2.21 3.71
CA TYR B 431 13.42 -1.29 2.63
C TYR B 431 14.56 -1.24 1.61
N ARG B 432 14.24 -1.41 0.33
CA ARG B 432 15.23 -1.36 -0.75
C ARG B 432 15.48 0.12 -1.09
N VAL B 433 16.73 0.56 -0.91
CA VAL B 433 17.13 1.94 -1.17
C VAL B 433 17.19 2.21 -2.69
N GLY B 434 17.67 1.22 -3.44
CA GLY B 434 17.82 1.30 -4.88
C GLY B 434 19.24 1.62 -5.34
N ASP B 435 20.23 1.59 -4.43
CA ASP B 435 21.61 1.88 -4.83
C ASP B 435 22.38 0.58 -4.95
N VAL B 436 23.20 0.48 -6.01
CA VAL B 436 24.04 -0.66 -6.24
C VAL B 436 25.40 -0.25 -5.73
N LEU B 437 25.98 -1.07 -4.84
CA LEU B 437 27.25 -0.85 -4.22
C LEU B 437 28.17 -2.04 -4.50
N SER B 438 29.48 -1.81 -4.64
CA SER B 438 30.46 -2.87 -4.85
C SER B 438 31.41 -2.92 -3.65
N VAL B 439 31.83 -4.12 -3.22
CA VAL B 439 32.72 -4.25 -2.07
C VAL B 439 34.17 -4.01 -2.51
N ALA B 440 34.76 -2.91 -2.07
CA ALA B 440 36.14 -2.55 -2.41
C ALA B 440 37.18 -2.99 -1.37
N GLY B 441 36.73 -3.30 -0.15
CA GLY B 441 37.61 -3.71 0.93
C GLY B 441 36.90 -3.69 2.26
N PHE B 442 37.67 -3.80 3.36
CA PHE B 442 37.15 -3.85 4.71
C PHE B 442 37.97 -3.00 5.67
N LYS B 443 37.31 -2.32 6.62
CA LYS B 443 37.93 -1.57 7.70
C LYS B 443 37.62 -2.43 8.92
N ASN B 444 38.61 -3.22 9.36
CA ASN B 444 38.46 -4.21 10.44
C ASN B 444 37.46 -5.27 9.92
N ASN B 445 36.24 -5.40 10.48
CA ASN B 445 35.24 -6.33 9.94
C ASN B 445 34.11 -5.61 9.16
N ALA B 446 34.11 -4.25 9.07
CA ALA B 446 33.07 -3.48 8.37
C ALA B 446 33.45 -3.31 6.88
N PRO B 447 32.55 -3.61 5.94
CA PRO B 447 32.89 -3.42 4.52
C PRO B 447 32.91 -1.95 4.08
N GLN B 448 33.67 -1.71 3.00
CA GLN B 448 33.86 -0.42 2.36
C GLN B 448 33.34 -0.58 0.95
N PHE B 449 32.44 0.31 0.55
CA PHE B 449 31.74 0.19 -0.71
C PHE B 449 31.98 1.28 -1.73
N SER B 450 32.22 0.88 -2.98
CA SER B 450 32.24 1.83 -4.09
C SER B 450 30.76 2.03 -4.50
N PHE B 451 30.34 3.27 -4.75
CA PHE B 451 28.99 3.56 -5.20
C PHE B 451 28.92 3.30 -6.70
N ILE B 452 28.03 2.40 -7.16
CA ILE B 452 27.92 2.12 -8.59
C ILE B 452 26.84 3.04 -9.22
N CYS B 453 25.59 2.94 -8.75
CA CYS B 453 24.52 3.76 -9.30
C CYS B 453 23.27 3.74 -8.46
N ARG B 454 22.50 4.84 -8.61
CA ARG B 454 21.14 4.94 -8.16
C ARG B 454 20.46 4.33 -9.40
N LYS B 455 19.87 3.14 -9.25
CA LYS B 455 19.29 2.38 -10.35
C LYS B 455 18.41 3.19 -11.30
N ASN B 456 18.64 3.00 -12.61
CA ASN B 456 17.86 3.58 -13.70
C ASN B 456 17.95 5.10 -13.89
N VAL B 457 18.73 5.86 -13.07
CA VAL B 457 18.87 7.30 -13.29
C VAL B 457 19.71 7.48 -14.58
N VAL B 458 19.23 8.31 -15.52
CA VAL B 458 19.93 8.59 -16.77
C VAL B 458 20.29 10.07 -16.89
N LEU B 459 19.52 10.98 -16.27
CA LEU B 459 19.79 12.40 -16.35
C LEU B 459 19.65 13.06 -15.01
N SER B 460 20.57 13.96 -14.70
CA SER B 460 20.62 14.68 -13.42
C SER B 460 21.53 15.88 -13.59
N ILE B 461 21.04 17.09 -13.28
CA ILE B 461 21.78 18.34 -13.29
C ILE B 461 22.10 18.70 -11.83
N ASP B 462 21.09 18.78 -10.97
CA ASP B 462 21.26 19.14 -9.57
C ASP B 462 20.54 18.04 -8.75
N SER B 463 19.48 18.37 -7.95
CA SER B 463 18.70 17.41 -7.16
C SER B 463 17.83 16.48 -8.05
N ASP B 464 17.46 16.94 -9.25
CA ASP B 464 16.66 16.17 -10.19
C ASP B 464 17.34 14.86 -10.57
N LYS B 465 16.58 13.76 -10.63
CA LYS B 465 17.04 12.41 -10.97
C LYS B 465 15.97 11.78 -11.87
N THR B 466 16.15 11.93 -13.17
CA THR B 466 15.21 11.45 -14.15
C THR B 466 15.62 10.07 -14.60
N ASP B 467 14.72 9.08 -14.49
CA ASP B 467 15.01 7.73 -14.95
C ASP B 467 14.64 7.52 -16.42
N GLU B 468 15.23 6.46 -17.02
CA GLU B 468 15.03 6.11 -18.43
C GLU B 468 13.54 5.92 -18.80
N VAL B 469 12.73 5.36 -17.90
CA VAL B 469 11.29 5.14 -18.16
C VAL B 469 10.54 6.48 -18.17
N GLU B 470 10.82 7.31 -17.18
CA GLU B 470 10.23 8.65 -17.08
C GLU B 470 10.52 9.47 -18.37
N LEU B 471 11.75 9.37 -18.88
CA LEU B 471 12.16 10.04 -20.13
C LEU B 471 11.46 9.47 -21.35
N GLN B 472 11.34 8.14 -21.43
CA GLN B 472 10.66 7.46 -22.53
C GLN B 472 9.19 7.88 -22.58
N ASN B 473 8.53 7.96 -21.43
CA ASN B 473 7.13 8.38 -21.38
C ASN B 473 7.00 9.89 -21.68
N ALA B 474 7.99 10.70 -21.33
CA ALA B 474 7.98 12.13 -21.64
C ALA B 474 8.12 12.35 -23.15
N VAL B 475 9.00 11.56 -23.80
CA VAL B 475 9.20 11.63 -25.26
C VAL B 475 7.94 11.08 -25.96
N LYS B 476 7.33 10.01 -25.41
CA LYS B 476 6.09 9.43 -25.92
C LYS B 476 4.99 10.50 -25.94
N ASN B 477 4.88 11.33 -24.89
CA ASN B 477 3.88 12.39 -24.87
C ASN B 477 4.20 13.49 -25.87
N ALA B 478 5.48 13.83 -26.04
CA ALA B 478 5.89 14.91 -26.93
C ALA B 478 5.74 14.59 -28.43
N VAL B 479 5.95 13.33 -28.85
CA VAL B 479 5.86 12.98 -30.27
C VAL B 479 4.42 13.04 -30.81
N THR B 480 3.39 13.16 -29.93
CA THR B 480 2.00 13.30 -30.38
C THR B 480 1.82 14.62 -31.16
N HIS B 481 2.60 15.65 -30.83
CA HIS B 481 2.62 16.94 -31.53
C HIS B 481 3.08 16.82 -32.98
N LEU B 482 3.87 15.77 -33.31
CA LEU B 482 4.37 15.53 -34.68
C LEU B 482 3.34 14.80 -35.57
N VAL B 483 2.40 14.07 -34.96
CA VAL B 483 1.41 13.26 -35.68
C VAL B 483 0.59 14.07 -36.72
N PRO B 484 0.07 15.29 -36.40
CA PRO B 484 -0.68 16.03 -37.43
C PRO B 484 0.17 16.42 -38.65
N PHE B 485 1.50 16.53 -38.46
CA PHE B 485 2.40 16.84 -39.57
C PHE B 485 2.88 15.61 -40.32
N ASP B 486 2.32 14.42 -40.07
CA ASP B 486 2.75 13.15 -40.67
C ASP B 486 4.26 12.92 -40.46
N ALA B 487 4.73 13.24 -39.27
CA ALA B 487 6.12 13.09 -38.89
C ALA B 487 6.24 12.19 -37.67
N SER B 488 7.41 11.59 -37.50
CA SER B 488 7.70 10.67 -36.41
C SER B 488 9.15 10.80 -35.99
N LEU B 489 9.45 10.33 -34.79
CA LEU B 489 10.81 10.37 -34.28
C LEU B 489 11.49 9.06 -34.65
N SER B 490 12.55 9.10 -35.49
CA SER B 490 13.28 7.88 -35.89
C SER B 490 14.09 7.36 -34.70
N GLU B 491 14.97 8.22 -34.14
CA GLU B 491 15.82 7.90 -33.00
C GLU B 491 16.04 9.15 -32.15
N TYR B 492 16.48 8.95 -30.91
CA TYR B 492 16.83 10.04 -30.00
C TYR B 492 17.80 9.57 -28.94
N THR B 493 18.52 10.54 -28.35
CA THR B 493 19.37 10.37 -27.18
C THR B 493 19.31 11.69 -26.38
N SER B 494 20.02 11.76 -25.25
CA SER B 494 20.02 12.95 -24.41
C SER B 494 21.35 13.11 -23.66
N TYR B 495 21.60 14.30 -23.11
CA TYR B 495 22.74 14.58 -22.22
C TYR B 495 22.38 15.75 -21.32
N ALA B 496 23.03 15.79 -20.16
CA ALA B 496 22.80 16.81 -19.16
C ALA B 496 23.88 17.86 -19.45
N ASP B 497 23.47 19.04 -19.97
CA ASP B 497 24.37 20.12 -20.34
C ASP B 497 24.66 20.95 -19.11
N THR B 498 25.82 20.69 -18.51
CA THR B 498 26.25 21.40 -17.31
C THR B 498 27.03 22.70 -17.62
N SER B 499 27.28 23.04 -18.90
CA SER B 499 28.04 24.24 -19.25
C SER B 499 27.15 25.48 -19.22
N SER B 500 25.90 25.33 -19.62
CA SER B 500 24.96 26.43 -19.64
C SER B 500 24.68 26.93 -18.23
N ILE B 501 24.23 28.18 -18.12
CA ILE B 501 23.88 28.76 -16.83
C ILE B 501 22.35 29.11 -16.79
N PRO B 502 21.47 28.37 -16.04
CA PRO B 502 21.72 27.10 -15.32
C PRO B 502 21.88 25.90 -16.26
N GLY B 503 22.32 24.77 -15.73
CA GLY B 503 22.43 23.54 -16.52
C GLY B 503 21.06 23.09 -17.01
N HIS B 504 20.99 22.46 -18.18
CA HIS B 504 19.71 22.03 -18.76
C HIS B 504 19.81 20.68 -19.45
N TYR B 505 18.67 20.01 -19.61
CA TYR B 505 18.64 18.72 -20.30
C TYR B 505 18.64 19.03 -21.78
N VAL B 506 19.38 18.25 -22.56
CA VAL B 506 19.39 18.40 -24.00
C VAL B 506 18.94 17.07 -24.63
N LEU B 507 17.97 17.12 -25.56
CA LEU B 507 17.50 15.93 -26.28
C LEU B 507 17.96 16.07 -27.73
N PHE B 508 18.49 14.99 -28.34
CA PHE B 508 18.88 15.01 -29.74
C PHE B 508 17.80 14.24 -30.46
N TRP B 509 17.10 14.87 -31.40
CA TRP B 509 15.97 14.25 -32.11
C TRP B 509 16.26 14.14 -33.63
N GLU B 510 16.11 12.94 -34.21
CA GLU B 510 16.23 12.78 -35.65
C GLU B 510 14.84 12.41 -36.15
N LEU B 511 14.25 13.26 -36.99
CA LEU B 511 12.90 13.02 -37.47
C LEU B 511 12.84 12.25 -38.78
N CYS B 512 11.67 11.64 -39.01
CA CYS B 512 11.29 10.96 -40.22
C CYS B 512 10.05 11.72 -40.74
N LEU B 513 10.23 12.52 -41.80
CA LEU B 513 9.15 13.35 -42.35
C LEU B 513 8.49 12.69 -43.53
N ASN B 514 7.20 12.33 -43.39
CA ASN B 514 6.42 11.70 -44.46
C ASN B 514 5.34 12.65 -45.06
N GLY B 515 5.27 13.91 -44.61
CA GLY B 515 4.27 14.87 -45.05
C GLY B 515 4.80 16.01 -45.90
N ASN B 516 3.91 16.92 -46.28
CA ASN B 516 4.24 18.08 -47.11
C ASN B 516 4.25 19.42 -46.35
N THR B 517 3.70 19.48 -45.11
CA THR B 517 3.67 20.72 -44.37
C THR B 517 4.88 20.81 -43.42
N PRO B 518 5.85 21.73 -43.64
CA PRO B 518 6.98 21.82 -42.71
C PRO B 518 6.53 22.14 -41.28
N ILE B 519 7.26 21.63 -40.31
CA ILE B 519 6.88 21.80 -38.91
C ILE B 519 7.39 23.16 -38.39
N PRO B 520 6.52 24.08 -37.93
CA PRO B 520 7.01 25.38 -37.45
C PRO B 520 7.75 25.31 -36.11
N PRO B 521 8.55 26.33 -35.72
CA PRO B 521 9.26 26.25 -34.44
C PRO B 521 8.34 26.13 -33.24
N SER B 522 7.14 26.71 -33.29
CA SER B 522 6.23 26.66 -32.15
C SER B 522 5.85 25.21 -31.79
N VAL B 523 5.79 24.31 -32.78
CA VAL B 523 5.47 22.91 -32.52
C VAL B 523 6.59 22.24 -31.74
N PHE B 524 7.86 22.50 -32.10
CA PHE B 524 9.00 21.91 -31.38
C PHE B 524 9.17 22.53 -30.00
N GLU B 525 8.85 23.81 -29.85
CA GLU B 525 8.83 24.48 -28.57
C GLU B 525 7.72 23.85 -27.68
N ASP B 526 6.56 23.43 -28.29
CA ASP B 526 5.48 22.74 -27.58
C ASP B 526 5.98 21.35 -27.14
N CYS B 527 6.83 20.66 -27.96
CA CYS B 527 7.41 19.35 -27.60
C CYS B 527 8.30 19.48 -26.36
N CYS B 528 9.15 20.53 -26.34
CA CYS B 528 10.06 20.85 -25.24
C CYS B 528 9.30 21.00 -23.95
N LEU B 529 8.18 21.73 -23.99
CA LEU B 529 7.38 21.95 -22.79
C LEU B 529 6.62 20.68 -22.40
N THR B 530 6.10 19.92 -23.38
CA THR B 530 5.41 18.66 -23.10
C THR B 530 6.36 17.65 -22.42
N ILE B 531 7.65 17.61 -22.81
CA ILE B 531 8.63 16.72 -22.15
C ILE B 531 8.79 17.18 -20.68
N GLU B 532 9.03 18.49 -20.49
CA GLU B 532 9.18 19.07 -19.14
C GLU B 532 7.97 18.82 -18.26
N GLU B 533 6.78 18.96 -18.80
CA GLU B 533 5.54 18.73 -18.06
C GLU B 533 5.38 17.29 -17.59
N SER B 534 5.97 16.33 -18.34
CA SER B 534 5.91 14.91 -18.06
C SER B 534 7.04 14.44 -17.13
N LEU B 535 8.06 15.27 -16.85
CA LEU B 535 9.16 14.90 -15.96
C LEU B 535 8.73 15.03 -14.51
N ASN B 536 9.46 14.42 -13.57
CA ASN B 536 9.04 14.38 -12.17
C ASN B 536 9.10 15.75 -11.47
N SER B 537 8.50 15.83 -10.26
CA SER B 537 8.37 17.07 -9.50
C SER B 537 9.68 17.70 -9.09
N VAL B 538 10.76 16.91 -9.00
CA VAL B 538 12.05 17.47 -8.60
C VAL B 538 12.63 18.21 -9.80
N TYR B 539 12.49 17.67 -11.02
CA TYR B 539 12.87 18.39 -12.22
C TYR B 539 12.05 19.70 -12.35
N ARG B 540 10.75 19.63 -12.16
CA ARG B 540 9.87 20.79 -12.33
C ARG B 540 10.16 21.83 -11.23
N GLN B 541 10.41 21.38 -9.98
CA GLN B 541 10.83 22.25 -8.88
C GLN B 541 12.16 22.96 -9.26
N GLY B 542 13.12 22.21 -9.80
CA GLY B 542 14.39 22.76 -10.22
C GLY B 542 14.26 23.87 -11.24
N ARG B 543 13.20 23.80 -12.07
CA ARG B 543 12.91 24.83 -13.05
C ARG B 543 12.16 26.02 -12.43
N VAL B 544 11.12 25.77 -11.64
CA VAL B 544 10.22 26.80 -11.12
C VAL B 544 10.74 27.52 -9.86
N SER B 545 11.13 26.75 -8.83
CA SER B 545 11.49 27.25 -7.50
C SER B 545 12.94 27.79 -7.34
N ASP B 546 14.00 26.93 -7.34
CA ASP B 546 15.36 27.42 -7.13
C ASP B 546 16.12 27.80 -8.39
N LYS B 547 15.53 27.57 -9.58
CA LYS B 547 16.17 27.89 -10.85
C LYS B 547 17.51 27.17 -11.01
N SER B 548 17.60 25.92 -10.51
CA SER B 548 18.79 25.09 -10.66
C SER B 548 18.82 24.33 -12.00
N ILE B 549 17.75 24.44 -12.84
CA ILE B 549 17.66 23.80 -14.14
C ILE B 549 17.12 24.84 -15.10
N GLY B 550 17.76 24.95 -16.24
CA GLY B 550 17.34 25.86 -17.29
C GLY B 550 16.39 25.19 -18.27
N PRO B 551 15.77 25.97 -19.19
CA PRO B 551 14.83 25.36 -20.15
C PRO B 551 15.37 24.19 -20.96
N LEU B 552 14.59 23.11 -21.07
CA LEU B 552 14.96 21.93 -21.84
C LEU B 552 15.09 22.31 -23.31
N GLU B 553 16.09 21.73 -23.97
CA GLU B 553 16.37 22.02 -25.35
C GLU B 553 16.29 20.75 -26.18
N ILE B 554 15.67 20.85 -27.37
CA ILE B 554 15.62 19.76 -28.33
C ILE B 554 16.49 20.23 -29.49
N LYS B 555 17.52 19.47 -29.79
CA LYS B 555 18.42 19.75 -30.89
C LYS B 555 18.10 18.76 -31.99
N MET B 556 17.73 19.28 -33.16
CA MET B 556 17.44 18.47 -34.32
C MET B 556 18.72 18.14 -35.02
N VAL B 557 18.89 16.88 -35.41
CA VAL B 557 20.11 16.46 -36.07
C VAL B 557 19.83 16.05 -37.52
N GLU B 558 20.86 16.18 -38.38
CA GLU B 558 20.76 15.82 -39.81
C GLU B 558 20.31 14.37 -39.97
N SER B 559 19.66 14.02 -41.09
CA SER B 559 19.24 12.64 -41.34
C SER B 559 20.50 11.75 -41.46
N GLY B 560 20.41 10.56 -40.92
CA GLY B 560 21.54 9.63 -40.87
C GLY B 560 22.50 9.88 -39.72
N THR B 561 22.18 10.82 -38.77
CA THR B 561 23.06 11.11 -37.62
C THR B 561 23.16 9.92 -36.66
N PHE B 562 22.04 9.27 -36.33
CA PHE B 562 22.07 8.11 -35.45
C PHE B 562 22.65 6.87 -36.16
N ASP B 563 22.56 6.78 -37.49
CA ASP B 563 23.25 5.71 -38.23
C ASP B 563 24.78 5.99 -38.23
N LYS B 564 25.19 7.28 -38.21
CA LYS B 564 26.59 7.72 -38.12
C LYS B 564 27.15 7.34 -36.74
N LEU B 565 26.36 7.50 -35.65
CA LEU B 565 26.76 7.05 -34.33
C LEU B 565 26.89 5.53 -34.32
N MET B 566 25.97 4.82 -34.99
CA MET B 566 26.01 3.36 -35.06
C MET B 566 27.21 2.86 -35.85
N ASP B 567 27.69 3.62 -36.85
CA ASP B 567 28.90 3.25 -37.58
C ASP B 567 30.11 3.25 -36.64
N TYR B 568 30.13 4.12 -35.61
CA TYR B 568 31.20 4.15 -34.61
C TYR B 568 31.16 2.84 -33.83
N ALA B 569 29.97 2.40 -33.36
CA ALA B 569 29.82 1.17 -32.58
C ALA B 569 30.13 -0.06 -33.42
N ILE B 570 29.74 -0.04 -34.70
CA ILE B 570 30.04 -1.13 -35.64
C ILE B 570 31.57 -1.28 -35.79
N SER B 571 32.27 -0.15 -36.00
CA SER B 571 33.72 -0.15 -36.14
C SER B 571 34.44 -0.71 -34.88
N LEU B 572 33.80 -0.63 -33.69
CA LEU B 572 34.35 -1.09 -32.41
C LEU B 572 33.79 -2.45 -31.92
N GLY B 573 33.21 -3.25 -32.82
CA GLY B 573 32.73 -4.59 -32.50
C GLY B 573 31.28 -4.79 -32.10
N ALA B 574 30.37 -3.82 -32.35
CA ALA B 574 28.96 -4.00 -32.02
C ALA B 574 28.21 -4.63 -33.19
N SER B 575 27.21 -5.46 -32.91
CA SER B 575 26.43 -6.12 -33.96
C SER B 575 25.24 -5.23 -34.38
N ILE B 576 24.86 -5.28 -35.66
CA ILE B 576 23.72 -4.51 -36.16
C ILE B 576 22.43 -4.99 -35.47
N ASN B 577 22.24 -6.32 -35.37
CA ASN B 577 21.03 -6.93 -34.81
C ASN B 577 20.80 -6.67 -33.30
N GLN B 578 21.84 -6.24 -32.54
CA GLN B 578 21.70 -5.96 -31.10
C GLN B 578 21.97 -4.50 -30.71
N TYR B 579 22.51 -3.67 -31.62
CA TYR B 579 22.76 -2.26 -31.30
C TYR B 579 21.43 -1.54 -31.15
N LYS B 580 21.31 -0.78 -30.07
CA LYS B 580 20.16 0.09 -29.82
C LYS B 580 20.75 1.43 -29.39
N THR B 581 20.22 2.53 -29.91
CA THR B 581 20.74 3.87 -29.60
C THR B 581 20.66 4.13 -28.09
N PRO B 582 21.74 4.54 -27.39
CA PRO B 582 21.60 4.79 -25.95
C PRO B 582 20.63 5.93 -25.69
N ARG B 583 19.83 5.79 -24.64
CA ARG B 583 18.84 6.82 -24.27
C ARG B 583 19.50 8.09 -23.67
N CYS B 584 20.75 7.97 -23.20
CA CYS B 584 21.52 9.06 -22.66
C CYS B 584 23.02 8.84 -22.98
N VAL B 585 23.77 9.95 -23.10
CA VAL B 585 25.20 9.96 -23.38
C VAL B 585 25.90 10.93 -22.42
N LYS B 586 27.06 10.52 -21.88
CA LYS B 586 27.88 11.31 -20.95
C LYS B 586 29.30 11.56 -21.49
N PHE B 587 29.80 10.69 -22.38
CA PHE B 587 31.15 10.80 -22.93
C PHE B 587 31.22 11.98 -23.90
N ALA B 588 32.01 13.03 -23.52
CA ALA B 588 32.15 14.28 -24.27
C ALA B 588 32.42 14.14 -25.79
N PRO B 589 33.32 13.27 -26.28
CA PRO B 589 33.51 13.15 -27.74
C PRO B 589 32.25 12.80 -28.54
N ILE B 590 31.36 11.96 -27.97
CA ILE B 590 30.10 11.57 -28.63
C ILE B 590 29.10 12.73 -28.58
N ILE B 591 29.08 13.49 -27.45
CA ILE B 591 28.24 14.68 -27.33
C ILE B 591 28.68 15.70 -28.39
N GLU B 592 30.00 15.92 -28.52
CA GLU B 592 30.60 16.83 -29.53
C GLU B 592 30.22 16.37 -30.95
N LEU B 593 30.28 15.06 -31.21
CA LEU B 593 29.91 14.52 -32.52
C LEU B 593 28.43 14.83 -32.86
N LEU B 594 27.52 14.61 -31.91
CA LEU B 594 26.11 14.90 -32.10
C LEU B 594 25.88 16.39 -32.25
N ASN B 595 26.52 17.22 -31.39
CA ASN B 595 26.44 18.68 -31.46
C ASN B 595 26.92 19.22 -32.83
N SER B 596 27.93 18.58 -33.45
CA SER B 596 28.46 18.99 -34.76
C SER B 596 27.48 18.73 -35.92
N ARG B 597 26.53 17.77 -35.76
CA ARG B 597 25.52 17.44 -36.79
C ARG B 597 24.13 18.06 -36.50
N VAL B 598 24.07 19.09 -35.64
CA VAL B 598 22.81 19.75 -35.29
C VAL B 598 22.42 20.75 -36.39
N VAL B 599 21.15 20.72 -36.79
CA VAL B 599 20.58 21.59 -37.82
C VAL B 599 19.97 22.83 -37.14
N ASP B 600 19.08 22.62 -36.16
CA ASP B 600 18.42 23.69 -35.41
C ASP B 600 18.12 23.20 -34.00
N SER B 601 17.93 24.14 -33.07
CA SER B 601 17.57 23.80 -31.70
C SER B 601 16.41 24.66 -31.23
N TYR B 602 15.62 24.11 -30.30
CA TYR B 602 14.46 24.77 -29.76
C TYR B 602 14.47 24.62 -28.26
N PHE B 603 13.90 25.59 -27.55
CA PHE B 603 13.84 25.62 -26.10
C PHE B 603 12.42 25.69 -25.61
N SER B 604 12.20 25.27 -24.37
CA SER B 604 10.89 25.34 -23.75
C SER B 604 10.57 26.84 -23.55
N PRO B 605 9.44 27.35 -24.04
CA PRO B 605 9.18 28.81 -23.92
C PRO B 605 8.76 29.29 -22.54
N LYS B 606 8.33 28.37 -21.67
CA LYS B 606 7.95 28.73 -20.32
C LYS B 606 8.28 27.57 -19.36
N CYS B 607 8.25 27.87 -18.07
CA CYS B 607 8.51 26.88 -17.05
C CYS B 607 7.40 25.84 -17.04
N PRO B 608 7.69 24.57 -16.69
CA PRO B 608 6.59 23.61 -16.53
C PRO B 608 5.74 23.97 -15.28
N LYS B 609 4.68 23.21 -15.01
CA LYS B 609 3.87 23.47 -13.85
C LYS B 609 4.57 22.85 -12.64
N TRP B 610 4.56 23.58 -11.52
CA TRP B 610 5.05 23.10 -10.24
C TRP B 610 4.50 23.95 -9.09
N SER B 611 4.07 23.27 -8.04
CA SER B 611 3.65 23.88 -6.78
C SER B 611 4.17 23.00 -5.61
N PRO B 612 4.46 23.55 -4.42
CA PRO B 612 4.97 22.69 -3.33
C PRO B 612 4.00 21.59 -2.87
N GLY B 613 4.54 20.42 -2.54
CA GLY B 613 3.77 19.28 -2.07
C GLY B 613 3.30 18.38 -3.19
N HIS B 614 2.68 17.25 -2.81
CA HIS B 614 2.15 16.31 -3.79
C HIS B 614 0.92 16.93 -4.48
N LYS B 615 0.72 16.60 -5.76
CA LYS B 615 -0.43 17.10 -6.52
C LYS B 615 -1.76 16.70 -5.86
N GLN B 616 -1.79 15.56 -5.16
CA GLN B 616 -2.99 15.08 -4.48
C GLN B 616 -3.38 15.97 -3.28
N TRP B 617 -2.39 16.60 -2.61
CA TRP B 617 -2.65 17.48 -1.46
C TRP B 617 -3.22 18.85 -1.88
N GLY B 618 -2.89 19.31 -3.09
CA GLY B 618 -3.35 20.59 -3.61
C GLY B 618 -4.76 20.54 -4.16
P AMP C . -21.02 -9.40 5.03
O1P AMP C . -20.67 -9.99 6.37
O2P AMP C . -20.51 -7.98 4.85
O3P AMP C . -22.50 -9.53 4.70
O5' AMP C . -20.25 -10.29 3.90
C5' AMP C . -20.40 -9.87 2.53
C4' AMP C . -19.53 -10.72 1.65
O4' AMP C . -20.04 -12.07 1.59
C3' AMP C . -19.51 -10.29 0.19
O3' AMP C . -18.68 -9.15 -0.04
C2' AMP C . -19.00 -11.55 -0.48
O2' AMP C . -17.60 -11.76 -0.34
C1' AMP C . -19.79 -12.61 0.30
N9 AMP C . -21.05 -12.96 -0.35
C8 AMP C . -22.27 -12.35 -0.21
N7 AMP C . -23.18 -12.80 -1.04
C5 AMP C . -22.52 -13.78 -1.77
C6 AMP C . -22.94 -14.64 -2.79
N6 AMP C . -24.15 -14.62 -3.35
N1 AMP C . -22.03 -15.50 -3.29
C2 AMP C . -20.79 -15.50 -2.79
N3 AMP C . -20.28 -14.74 -1.83
C4 AMP C . -21.20 -13.88 -1.35
H5'1 AMP C . -20.09 -8.84 2.43
H5'2 AMP C . -21.44 -9.94 2.20
H4' AMP C . -18.52 -10.78 2.05
H3' AMP C . -20.49 -9.98 -0.16
HO3' AMP C . -18.68 -9.04 -1.02
H2' AMP C . -19.26 -11.61 -1.54
HO2' AMP C . -17.23 -11.03 -0.88
H1' AMP C . -19.25 -13.56 0.45
H8 AMP C . -22.43 -11.58 0.52
HN61 AMP C . -24.82 -13.94 -3.01
HN62 AMP C . -24.35 -15.27 -4.10
H2 AMP C . -20.11 -16.21 -3.24
P AMP D . 17.92 11.65 -1.03
O1P AMP D . 17.21 12.74 -1.80
O2P AMP D . 16.99 10.52 -0.64
O3P AMP D . 18.73 12.16 0.13
O5' AMP D . 18.99 10.99 -2.06
C5' AMP D . 19.83 9.93 -1.60
C4' AMP D . 20.58 9.29 -2.73
O4' AMP D . 21.58 10.20 -3.23
C3' AMP D . 21.40 8.06 -2.34
O3' AMP D . 20.60 6.89 -2.17
C2' AMP D . 22.35 7.97 -3.53
O2' AMP D . 21.71 7.42 -4.68
C1' AMP D . 22.69 9.45 -3.72
N9 AMP D . 23.90 9.84 -3.02
C8 AMP D . 24.03 10.30 -1.74
N7 AMP D . 25.28 10.36 -1.30
C5 AMP D . 26.02 9.91 -2.39
C6 AMP D . 27.39 9.73 -2.59
N6 AMP D . 28.32 9.98 -1.65
N1 AMP D . 27.81 9.27 -3.79
C2 AMP D . 26.89 9.01 -4.72
N3 AMP D . 25.57 9.14 -4.66
C4 AMP D . 25.19 9.60 -3.46
H5'1 AMP D . 19.21 9.18 -1.10
H5'2 AMP D . 20.55 10.30 -0.85
H4' AMP D . 19.89 9.06 -3.55
H3' AMP D . 21.91 8.17 -1.38
HO3' AMP D . 21.24 6.17 -2.05
H2' AMP D . 23.26 7.40 -3.33
HO2' AMP D . 21.56 6.50 -4.42
H1' AMP D . 22.84 9.73 -4.78
H8 AMP D . 23.17 10.59 -1.15
HN61 AMP D . 28.00 10.29 -0.75
HN62 AMP D . 29.29 9.87 -1.90
H2 AMP D . 27.28 8.65 -5.67
#